data_7XYK
#
_entry.id   7XYK
#
_cell.length_a   51.164
_cell.length_b   90.113
_cell.length_c   123.996
_cell.angle_alpha   90.000
_cell.angle_beta   92.980
_cell.angle_gamma   90.000
#
_symmetry.space_group_name_H-M   'P 1 21 1'
#
loop_
_entity.id
_entity.type
_entity.pdbx_description
1 polymer 'Thymidylate synthase'
2 non-polymer "2'-DEOXYURIDINE 5'-MONOPHOSPHATE"
3 non-polymer TOMUDEX
4 non-polymer 'SULFATE ION'
5 water water
#
_entity_poly.entity_id   1
_entity_poly.type   'polypeptide(L)'
_entity_poly.pdbx_seq_one_letter_code
;SNAMEGEHQYLNLVREILERGVKKDDRTGTGTLSIFGPQMRFSLRDDTIPVLTTKKIFWRGVVEELLWFIRGNTDAKELA
KKKIHIWNANGSREFLDSRGLYDRAEGDLGPVYGFQWRHFGAEYDTCSSDYTGKGIDQLANILKTLRENPDDRRMIMTAW
NPMDLHLMALPPCHMTAQFYVANGELSCQLYQRSGDVGLGVPFNIASYSLLTHLMASMVGLKPGEFILTLGDAHIYNTHI
EVLKKQLCRVPRPFPKLRILMAPEKIEDFTIDMFYLEGYQPHSGNLQMKMAV
;
_entity_poly.pdbx_strand_id   A,B,C,D
#
loop_
_chem_comp.id
_chem_comp.type
_chem_comp.name
_chem_comp.formula
D16 non-polymer TOMUDEX 'C21 H22 N4 O6 S'
SO4 non-polymer 'SULFATE ION' 'O4 S -2'
UMP non-polymer '2'-DEOXYURIDINE 5'-MONOPHOSPHATE' 'C9 H13 N2 O8 P'
#
# COMPACT_ATOMS: atom_id res chain seq x y z
N ALA A 3 28.96 -42.35 10.71
CA ALA A 3 28.97 -41.44 11.89
C ALA A 3 27.89 -40.36 11.78
N MET A 4 26.84 -40.63 11.00
CA MET A 4 25.72 -39.71 10.88
C MET A 4 24.37 -40.32 11.22
N GLU A 5 24.18 -41.62 11.05
CA GLU A 5 22.85 -42.19 11.23
C GLU A 5 22.63 -42.76 12.64
N GLY A 6 21.38 -43.01 12.94
CA GLY A 6 21.06 -43.66 14.20
C GLY A 6 21.44 -42.81 15.39
N GLU A 7 22.11 -43.43 16.37
CA GLU A 7 22.43 -42.72 17.60
C GLU A 7 23.35 -41.53 17.36
N HIS A 8 24.10 -41.55 16.26
CA HIS A 8 24.91 -40.40 15.94
C HIS A 8 24.09 -39.15 15.67
N GLN A 9 22.81 -39.29 15.28
CA GLN A 9 21.94 -38.11 15.18
C GLN A 9 21.92 -37.36 16.51
N TYR A 10 21.81 -38.09 17.61
CA TYR A 10 21.76 -37.48 18.94
C TYR A 10 23.14 -37.00 19.39
N LEU A 11 24.16 -37.85 19.22
CA LEU A 11 25.48 -37.46 19.66
C LEU A 11 25.97 -36.24 18.89
N ASN A 12 25.67 -36.17 17.59
CA ASN A 12 26.07 -34.99 16.82
C ASN A 12 25.31 -33.75 17.25
N LEU A 13 24.04 -33.88 17.64
CA LEU A 13 23.31 -32.73 18.19
C LEU A 13 23.97 -32.23 19.47
N VAL A 14 24.34 -33.16 20.37
CA VAL A 14 25.04 -32.75 21.58
C VAL A 14 26.29 -31.97 21.23
N ARG A 15 27.12 -32.53 20.35
CA ARG A 15 28.34 -31.84 19.94
C ARG A 15 28.03 -30.47 19.34
N GLU A 16 27.03 -30.39 18.47
CA GLU A 16 26.70 -29.12 17.82
C GLU A 16 26.34 -28.06 18.85
N ILE A 17 25.53 -28.42 19.86
CA ILE A 17 25.17 -27.44 20.87
C ILE A 17 26.39 -27.03 21.67
N LEU A 18 27.23 -27.99 22.04
CA LEU A 18 28.45 -27.66 22.76
C LEU A 18 29.32 -26.72 21.94
N GLU A 19 29.37 -26.90 20.62
CA GLU A 19 30.29 -26.12 19.77
C GLU A 19 29.72 -24.75 19.37
N ARG A 20 28.47 -24.70 18.93
CA ARG A 20 27.88 -23.47 18.43
C ARG A 20 26.63 -23.02 19.16
N GLY A 21 26.20 -23.74 20.19
CA GLY A 21 25.08 -23.24 20.99
C GLY A 21 25.43 -21.92 21.64
N VAL A 22 24.45 -21.01 21.68
CA VAL A 22 24.65 -19.70 22.28
C VAL A 22 24.29 -19.76 23.75
N LYS A 23 24.98 -18.95 24.53
CA LYS A 23 24.66 -18.85 25.94
C LYS A 23 23.30 -18.19 26.04
N LYS A 24 22.41 -18.84 26.77
CA LYS A 24 21.03 -18.39 26.88
C LYS A 24 20.64 -18.62 28.32
N ASP A 25 20.15 -17.59 29.00
CA ASP A 25 19.59 -17.81 30.31
C ASP A 25 18.21 -18.43 30.13
N ASP A 26 17.67 -18.98 31.21
CA ASP A 26 16.40 -19.69 31.07
C ASP A 26 15.53 -19.49 32.31
N ARG A 27 14.29 -19.99 32.18
CA ARG A 27 13.27 -19.89 33.21
C ARG A 27 13.75 -20.41 34.56
N THR A 28 14.48 -21.54 34.55
CA THR A 28 14.91 -22.14 35.81
C THR A 28 16.04 -21.39 36.48
N GLY A 29 16.73 -20.49 35.77
CA GLY A 29 17.90 -19.83 36.30
C GLY A 29 19.19 -20.62 36.21
N THR A 30 19.15 -21.84 35.64
CA THR A 30 20.35 -22.67 35.53
C THR A 30 21.27 -22.22 34.41
N GLY A 31 20.71 -21.73 33.30
CA GLY A 31 21.50 -21.35 32.15
C GLY A 31 21.68 -22.49 31.17
N THR A 32 21.73 -22.17 29.88
CA THR A 32 21.82 -23.18 28.83
C THR A 32 22.74 -22.71 27.72
N LEU A 33 23.13 -23.68 26.91
CA LEU A 33 23.59 -23.46 25.55
C LEU A 33 22.48 -23.95 24.63
N SER A 34 22.19 -23.19 23.57
CA SER A 34 20.97 -23.39 22.83
C SER A 34 21.17 -23.21 21.33
N ILE A 35 20.50 -24.05 20.53
CA ILE A 35 20.30 -23.81 19.10
C ILE A 35 18.81 -23.97 18.84
N PHE A 36 18.35 -23.47 17.69
CA PHE A 36 16.94 -23.46 17.36
C PHE A 36 16.72 -24.22 16.05
N GLY A 37 15.74 -25.10 16.05
CA GLY A 37 15.33 -25.78 14.85
C GLY A 37 16.04 -27.05 14.41
N PRO A 38 16.84 -27.73 15.24
CA PRO A 38 17.50 -28.93 14.72
C PRO A 38 16.52 -30.09 14.61
N GLN A 39 16.75 -30.93 13.60
CA GLN A 39 15.95 -32.13 13.36
C GLN A 39 16.82 -33.38 13.45
N MET A 40 16.25 -34.45 14.00
CA MET A 40 16.89 -35.76 14.03
C MET A 40 15.92 -36.78 13.45
N ARG A 41 16.46 -37.81 12.79
CA ARG A 41 15.63 -38.83 12.13
C ARG A 41 16.16 -40.20 12.50
N PHE A 42 15.23 -41.11 12.83
CA PHE A 42 15.60 -42.46 13.27
C PHE A 42 14.76 -43.50 12.52
N SER A 43 15.43 -44.47 11.92
CA SER A 43 14.72 -45.57 11.29
C SER A 43 14.15 -46.52 12.33
N LEU A 44 12.90 -46.93 12.12
CA LEU A 44 12.25 -47.95 12.95
C LEU A 44 12.09 -49.26 12.21
N ARG A 45 12.76 -49.38 11.07
CA ARG A 45 12.69 -50.60 10.26
C ARG A 45 13.47 -51.72 10.93
N ASP A 46 13.15 -52.95 10.54
CA ASP A 46 13.81 -54.12 11.09
C ASP A 46 13.65 -54.17 12.61
N ASP A 47 12.51 -53.69 13.10
CA ASP A 47 12.10 -53.69 14.50
C ASP A 47 12.94 -52.76 15.38
N THR A 48 13.79 -51.92 14.79
CA THR A 48 14.68 -51.07 15.55
C THR A 48 13.91 -50.04 16.35
N ILE A 49 14.39 -49.76 17.56
CA ILE A 49 13.84 -48.67 18.37
C ILE A 49 15.03 -47.88 18.93
N PRO A 50 15.05 -46.53 18.74
CA PRO A 50 16.24 -45.75 19.12
C PRO A 50 16.29 -45.40 20.60
N VAL A 51 16.57 -46.43 21.41
CA VAL A 51 16.88 -46.25 22.83
C VAL A 51 18.39 -46.13 22.97
N LEU A 52 18.87 -44.98 23.47
CA LEU A 52 20.31 -44.71 23.45
C LEU A 52 21.09 -45.82 24.12
N THR A 53 22.21 -46.16 23.51
CA THR A 53 23.17 -47.09 24.12
C THR A 53 24.33 -46.40 24.81
N THR A 54 24.59 -45.12 24.52
CA THR A 54 25.68 -44.43 25.20
C THR A 54 25.31 -43.97 26.60
N LYS A 55 24.05 -44.13 26.99
CA LYS A 55 23.60 -43.87 28.34
C LYS A 55 22.42 -44.80 28.56
N LYS A 56 22.37 -45.42 29.74
CA LYS A 56 21.22 -46.26 30.07
C LYS A 56 19.97 -45.40 30.21
N ILE A 57 18.97 -45.69 29.40
CA ILE A 57 17.67 -45.04 29.44
C ILE A 57 16.76 -45.86 30.34
N PHE A 58 15.90 -45.15 31.06
CA PHE A 58 14.93 -45.73 32.00
C PHE A 58 13.74 -46.30 31.23
N TRP A 59 13.98 -47.46 30.58
CA TRP A 59 12.99 -48.02 29.65
C TRP A 59 11.65 -48.27 30.33
N ARG A 60 11.65 -48.84 31.54
CA ARG A 60 10.38 -49.10 32.21
C ARG A 60 9.63 -47.80 32.46
N GLY A 61 10.36 -46.72 32.75
CA GLY A 61 9.75 -45.40 32.88
C GLY A 61 9.18 -44.89 31.57
N VAL A 62 9.92 -45.08 30.46
CA VAL A 62 9.39 -44.71 29.15
C VAL A 62 8.05 -45.39 28.91
N VAL A 63 8.02 -46.72 29.13
CA VAL A 63 6.82 -47.51 28.85
C VAL A 63 5.65 -47.04 29.71
N GLU A 64 5.86 -46.96 31.03
CA GLU A 64 4.74 -46.63 31.88
C GLU A 64 4.28 -45.19 31.70
N GLU A 65 5.21 -44.25 31.45
CA GLU A 65 4.75 -42.91 31.15
C GLU A 65 3.90 -42.90 29.88
N LEU A 66 4.33 -43.62 28.85
CA LEU A 66 3.57 -43.59 27.60
C LEU A 66 2.19 -44.21 27.78
N LEU A 67 2.10 -45.36 28.48
CA LEU A 67 0.79 -45.97 28.65
C LEU A 67 -0.12 -45.07 29.46
N TRP A 68 0.44 -44.37 30.44
CA TRP A 68 -0.30 -43.38 31.21
C TRP A 68 -0.83 -42.27 30.31
N PHE A 69 0.01 -41.74 29.42
CA PHE A 69 -0.47 -40.77 28.44
C PHE A 69 -1.58 -41.38 27.59
N ILE A 70 -1.37 -42.58 27.05
CA ILE A 70 -2.35 -43.15 26.13
C ILE A 70 -3.69 -43.33 26.80
N ARG A 71 -3.72 -43.62 28.09
CA ARG A 71 -4.97 -43.75 28.83
C ARG A 71 -5.59 -42.39 29.14
N GLY A 72 -4.90 -41.29 28.85
CA GLY A 72 -5.40 -39.97 29.17
C GLY A 72 -5.19 -39.59 30.61
N ASN A 73 -4.32 -40.30 31.33
CA ASN A 73 -4.15 -40.10 32.77
C ASN A 73 -3.17 -38.97 33.06
N THR A 74 -3.34 -38.34 34.22
CA THR A 74 -2.63 -37.10 34.56
C THR A 74 -2.23 -37.04 36.02
N ASP A 75 -2.33 -38.16 36.75
CA ASP A 75 -1.99 -38.20 38.18
C ASP A 75 -0.57 -38.74 38.31
N ALA A 76 0.36 -37.88 38.70
CA ALA A 76 1.73 -38.35 38.93
C ALA A 76 1.79 -39.39 40.04
N LYS A 77 0.82 -39.38 40.96
CA LYS A 77 0.90 -40.34 42.06
C LYS A 77 0.79 -41.75 41.54
N GLU A 78 0.12 -41.95 40.41
CA GLU A 78 0.02 -43.30 39.87
C GLU A 78 1.35 -43.78 39.29
N LEU A 79 2.13 -42.90 38.67
CA LEU A 79 3.49 -43.27 38.29
C LEU A 79 4.36 -43.50 39.51
N ALA A 80 4.22 -42.65 40.53
CA ALA A 80 5.03 -42.86 41.73
C ALA A 80 4.73 -44.19 42.39
N LYS A 81 3.48 -44.67 42.34
CA LYS A 81 3.17 -45.99 42.90
C LYS A 81 3.95 -47.09 42.18
N LYS A 82 4.29 -46.87 40.91
CA LYS A 82 5.09 -47.79 40.11
C LYS A 82 6.57 -47.47 40.16
N LYS A 83 6.99 -46.66 41.12
CA LYS A 83 8.39 -46.29 41.32
C LYS A 83 8.94 -45.52 40.13
N ILE A 84 8.08 -44.72 39.51
CA ILE A 84 8.46 -43.84 38.42
C ILE A 84 8.17 -42.42 38.90
N HIS A 85 9.22 -41.68 39.20
CA HIS A 85 9.09 -40.44 39.96
C HIS A 85 9.33 -39.21 39.12
N ILE A 86 9.39 -39.38 37.80
CA ILE A 86 9.81 -38.33 36.89
C ILE A 86 8.89 -37.11 36.91
N TRP A 87 7.62 -37.26 37.26
CA TRP A 87 6.67 -36.14 37.30
C TRP A 87 6.37 -35.67 38.71
N ASN A 88 7.01 -36.23 39.73
CA ASN A 88 6.67 -35.88 41.11
C ASN A 88 6.95 -34.42 41.40
N ALA A 89 8.09 -33.90 40.96
CA ALA A 89 8.45 -32.53 41.31
C ALA A 89 7.47 -31.52 40.73
N ASN A 90 7.04 -31.72 39.48
CA ASN A 90 6.11 -30.76 38.89
C ASN A 90 4.69 -30.92 39.41
N GLY A 91 4.40 -31.97 40.15
CA GLY A 91 3.13 -32.14 40.82
C GLY A 91 3.13 -31.80 42.30
N SER A 92 4.25 -31.29 42.83
CA SER A 92 4.30 -31.00 44.25
C SER A 92 3.45 -29.80 44.61
N ARG A 93 3.07 -29.75 45.88
CA ARG A 93 2.31 -28.60 46.38
C ARG A 93 3.00 -27.30 46.04
N GLU A 94 4.31 -27.21 46.30
CA GLU A 94 5.04 -25.99 46.07
C GLU A 94 5.05 -25.61 44.61
N PHE A 95 5.26 -26.59 43.72
CA PHE A 95 5.30 -26.25 42.31
C PHE A 95 3.92 -25.86 41.81
N LEU A 96 2.87 -26.59 42.22
CA LEU A 96 1.52 -26.23 41.82
C LEU A 96 1.15 -24.84 42.30
N ASP A 97 1.46 -24.51 43.56
CA ASP A 97 1.17 -23.16 44.05
C ASP A 97 1.93 -22.12 43.24
N SER A 98 3.16 -22.41 42.84
CA SER A 98 3.93 -21.46 42.05
C SER A 98 3.29 -21.19 40.69
N ARG A 99 2.46 -22.11 40.19
CA ARG A 99 1.73 -21.93 38.95
C ARG A 99 0.34 -21.32 39.19
N GLY A 100 0.01 -20.98 40.43
CA GLY A 100 -1.30 -20.46 40.73
C GLY A 100 -2.37 -21.53 40.88
N LEU A 101 -1.98 -22.80 41.01
CA LEU A 101 -2.93 -23.91 41.01
C LEU A 101 -3.23 -24.34 42.44
N TYR A 102 -3.82 -23.40 43.18
CA TYR A 102 -3.93 -23.56 44.62
C TYR A 102 -4.90 -24.66 45.02
N ASP A 103 -5.95 -24.90 44.22
CA ASP A 103 -6.96 -25.90 44.52
C ASP A 103 -6.57 -27.27 44.03
N ARG A 104 -5.46 -27.40 43.34
CA ARG A 104 -5.08 -28.68 42.76
C ARG A 104 -4.45 -29.57 43.84
N ALA A 105 -4.89 -30.82 43.93
CA ALA A 105 -4.27 -31.79 44.81
C ALA A 105 -2.86 -32.11 44.34
N GLU A 106 -1.98 -32.39 45.30
CA GLU A 106 -0.62 -32.78 44.96
C GLU A 106 -0.64 -33.99 44.01
N GLY A 107 0.20 -33.92 42.98
CA GLY A 107 0.29 -34.93 41.97
C GLY A 107 -0.63 -34.74 40.79
N ASP A 108 -1.65 -33.88 40.90
CA ASP A 108 -2.60 -33.68 39.82
C ASP A 108 -2.04 -32.64 38.85
N LEU A 109 -1.50 -33.12 37.74
CA LEU A 109 -0.76 -32.26 36.83
C LEU A 109 -1.68 -31.39 35.97
N GLY A 110 -2.97 -31.67 35.97
CA GLY A 110 -3.87 -30.94 35.12
C GLY A 110 -4.03 -31.59 33.78
N PRO A 111 -4.62 -30.85 32.84
CA PRO A 111 -4.97 -31.42 31.51
C PRO A 111 -3.78 -31.48 30.57
N VAL A 112 -2.79 -32.29 30.95
CA VAL A 112 -1.50 -32.35 30.25
C VAL A 112 -1.50 -33.51 29.29
N TYR A 113 -0.60 -33.44 28.33
CA TYR A 113 -0.27 -34.48 27.36
C TYR A 113 -1.41 -35.40 26.98
N GLY A 114 -1.47 -36.62 27.51
CA GLY A 114 -2.48 -37.59 27.07
C GLY A 114 -3.92 -37.16 27.29
N PHE A 115 -4.18 -36.31 28.28
CA PHE A 115 -5.54 -35.76 28.41
C PHE A 115 -5.93 -35.01 27.15
N GLN A 116 -5.02 -34.20 26.60
CA GLN A 116 -5.28 -33.52 25.33
C GLN A 116 -5.36 -34.51 24.17
N TRP A 117 -4.51 -35.53 24.18
CA TRP A 117 -4.52 -36.48 23.08
C TRP A 117 -5.88 -37.18 22.96
N ARG A 118 -6.51 -37.52 24.10
CA ARG A 118 -7.72 -38.32 24.11
C ARG A 118 -9.00 -37.52 24.37
N HIS A 119 -8.89 -36.30 24.89
CA HIS A 119 -10.04 -35.52 25.36
C HIS A 119 -9.87 -34.04 25.05
N PHE A 120 -9.29 -33.71 23.91
CA PHE A 120 -9.04 -32.28 23.60
C PHE A 120 -10.33 -31.47 23.69
N GLY A 121 -10.29 -30.38 24.47
CA GLY A 121 -11.44 -29.49 24.61
C GLY A 121 -12.37 -29.82 25.76
N ALA A 122 -12.23 -30.99 26.36
CA ALA A 122 -13.03 -31.33 27.53
C ALA A 122 -12.65 -30.42 28.70
N GLU A 123 -13.62 -30.17 29.56
CA GLU A 123 -13.39 -29.41 30.78
C GLU A 123 -12.72 -30.29 31.82
N TYR A 124 -11.62 -29.81 32.39
CA TYR A 124 -10.89 -30.58 33.39
C TYR A 124 -11.52 -30.38 34.76
N ASP A 125 -11.63 -31.48 35.51
CA ASP A 125 -12.11 -31.47 36.87
C ASP A 125 -10.92 -31.85 37.73
N THR A 126 -10.66 -33.12 37.94
CA THR A 126 -9.44 -33.57 38.61
C THR A 126 -8.87 -34.75 37.85
N CYS A 127 -7.70 -35.18 38.28
CA CYS A 127 -7.06 -36.32 37.63
C CYS A 127 -7.82 -37.63 37.85
N SER A 128 -8.70 -37.70 38.84
CA SER A 128 -9.44 -38.93 39.09
C SER A 128 -10.82 -38.95 38.44
N SER A 129 -11.23 -37.87 37.80
CA SER A 129 -12.53 -37.78 37.15
C SER A 129 -12.60 -38.71 35.94
N ASP A 130 -13.83 -39.06 35.57
CA ASP A 130 -14.08 -39.92 34.42
C ASP A 130 -14.34 -39.03 33.22
N TYR A 131 -13.48 -39.09 32.21
CA TYR A 131 -13.62 -38.29 31.00
C TYR A 131 -14.11 -39.10 29.81
N THR A 132 -14.64 -40.31 30.05
CA THR A 132 -15.06 -41.14 28.95
C THR A 132 -16.10 -40.43 28.10
N GLY A 133 -15.84 -40.37 26.80
CA GLY A 133 -16.71 -39.74 25.85
C GLY A 133 -16.62 -38.23 25.78
N LYS A 134 -15.74 -37.60 26.56
CA LYS A 134 -15.62 -36.16 26.62
C LYS A 134 -14.44 -35.69 25.77
N GLY A 135 -14.64 -34.60 25.07
CA GLY A 135 -13.59 -34.03 24.24
C GLY A 135 -13.34 -34.82 22.98
N ILE A 136 -12.30 -34.39 22.25
CA ILE A 136 -11.96 -34.96 20.96
C ILE A 136 -10.83 -35.98 21.15
N ASP A 137 -11.09 -37.22 20.72
CA ASP A 137 -10.12 -38.29 20.85
C ASP A 137 -9.27 -38.28 19.59
N GLN A 138 -8.24 -37.45 19.61
CA GLN A 138 -7.38 -37.31 18.45
C GLN A 138 -6.67 -38.62 18.11
N LEU A 139 -6.21 -39.35 19.13
CA LEU A 139 -5.48 -40.59 18.86
C LEU A 139 -6.39 -41.64 18.24
N ALA A 140 -7.58 -41.85 18.77
CA ALA A 140 -8.49 -42.79 18.12
C ALA A 140 -8.80 -42.37 16.70
N ASN A 141 -9.00 -41.08 16.47
CA ASN A 141 -9.31 -40.62 15.12
CA ASN A 141 -9.32 -40.66 15.11
C ASN A 141 -8.16 -40.94 14.16
N ILE A 142 -6.92 -40.74 14.63
CA ILE A 142 -5.79 -41.05 13.79
C ILE A 142 -5.76 -42.53 13.45
N LEU A 143 -6.00 -43.38 14.43
CA LEU A 143 -5.98 -44.82 14.14
C LEU A 143 -7.04 -45.20 13.11
N LYS A 144 -8.22 -44.60 13.21
CA LYS A 144 -9.26 -44.85 12.21
C LYS A 144 -8.82 -44.37 10.82
N THR A 145 -8.25 -43.17 10.76
CA THR A 145 -7.81 -42.62 9.48
C THR A 145 -6.70 -43.46 8.86
N LEU A 146 -5.79 -43.98 9.68
CA LEU A 146 -4.72 -44.83 9.16
C LEU A 146 -5.26 -46.06 8.47
N ARG A 147 -6.35 -46.61 9.00
CA ARG A 147 -6.97 -47.80 8.40
C ARG A 147 -7.71 -47.44 7.12
N GLU A 148 -8.45 -46.33 7.13
CA GLU A 148 -9.45 -45.99 6.12
C GLU A 148 -8.97 -45.02 5.04
N ASN A 149 -8.08 -44.08 5.37
CA ASN A 149 -7.63 -43.08 4.42
C ASN A 149 -6.19 -42.72 4.77
N PRO A 150 -5.27 -43.67 4.60
CA PRO A 150 -3.89 -43.44 5.08
C PRO A 150 -3.14 -42.31 4.38
N ASP A 151 -3.61 -41.83 3.24
CA ASP A 151 -2.92 -40.71 2.59
C ASP A 151 -3.35 -39.36 3.13
N ASP A 152 -4.31 -39.33 4.05
CA ASP A 152 -4.77 -38.08 4.64
C ASP A 152 -3.59 -37.28 5.18
N ARG A 153 -3.63 -35.97 4.99
CA ARG A 153 -2.56 -35.04 5.41
C ARG A 153 -2.90 -34.28 6.69
N ARG A 154 -3.86 -34.77 7.49
CA ARG A 154 -4.33 -34.09 8.70
C ARG A 154 -4.23 -34.98 9.94
N MET A 155 -3.37 -36.00 9.93
CA MET A 155 -3.31 -36.95 11.04
C MET A 155 -2.42 -36.35 12.13
N ILE A 156 -3.00 -35.38 12.86
CA ILE A 156 -2.30 -34.53 13.83
C ILE A 156 -2.83 -34.86 15.21
N MET A 157 -1.91 -34.97 16.18
CA MET A 157 -2.22 -35.14 17.59
C MET A 157 -1.48 -34.04 18.34
N THR A 158 -2.21 -33.11 18.93
CA THR A 158 -1.59 -32.02 19.66
C THR A 158 -1.98 -31.98 21.12
N ALA A 159 -1.03 -31.57 21.97
CA ALA A 159 -1.30 -31.18 23.32
C ALA A 159 -1.27 -29.69 23.54
N TRP A 160 -1.02 -28.91 22.48
CA TRP A 160 -0.92 -27.46 22.62
C TRP A 160 -2.30 -26.87 22.51
N ASN A 161 -2.95 -26.70 23.67
CA ASN A 161 -4.26 -26.09 23.76
C ASN A 161 -4.11 -24.76 24.50
N PRO A 162 -4.03 -23.64 23.78
CA PRO A 162 -3.88 -22.33 24.46
C PRO A 162 -4.87 -22.08 25.60
N MET A 163 -6.09 -22.63 25.50
CA MET A 163 -7.09 -22.37 26.52
CA MET A 163 -7.12 -22.42 26.51
C MET A 163 -6.77 -23.08 27.82
N ASP A 164 -5.98 -24.15 27.79
CA ASP A 164 -5.71 -24.99 28.96
C ASP A 164 -4.30 -24.82 29.53
N LEU A 165 -3.42 -24.07 28.87
CA LEU A 165 -2.03 -23.97 29.34
C LEU A 165 -1.95 -23.57 30.80
N HIS A 166 -2.79 -22.61 31.22
CA HIS A 166 -2.74 -22.09 32.58
C HIS A 166 -3.15 -23.14 33.61
N LEU A 167 -3.82 -24.20 33.19
CA LEU A 167 -4.23 -25.29 34.09
C LEU A 167 -3.17 -26.39 34.19
N MET A 168 -2.14 -26.36 33.35
CA MET A 168 -1.14 -27.42 33.30
C MET A 168 -0.01 -27.12 34.26
N ALA A 169 0.52 -28.17 34.89
CA ALA A 169 1.69 -27.99 35.75
C ALA A 169 2.86 -27.41 34.97
N LEU A 170 3.04 -27.81 33.72
CA LEU A 170 4.02 -27.29 32.78
C LEU A 170 3.38 -27.34 31.40
N PRO A 171 3.63 -26.37 30.53
CA PRO A 171 3.16 -26.51 29.15
C PRO A 171 3.87 -27.67 28.47
N PRO A 172 3.20 -28.34 27.53
CA PRO A 172 3.83 -29.53 26.91
C PRO A 172 5.12 -29.18 26.20
N CYS A 173 6.13 -30.05 26.38
CA CYS A 173 7.41 -29.92 25.70
C CYS A 173 7.31 -30.55 24.32
N HIS A 174 7.00 -31.84 24.30
CA HIS A 174 6.61 -32.52 23.07
C HIS A 174 5.17 -32.14 22.80
N MET A 175 4.93 -31.37 21.75
CA MET A 175 3.64 -30.70 21.70
C MET A 175 2.72 -31.11 20.59
N THR A 176 3.22 -31.49 19.41
CA THR A 176 2.36 -31.81 18.28
C THR A 176 3.04 -32.87 17.43
N ALA A 177 2.31 -33.93 17.12
CA ALA A 177 2.81 -35.00 16.30
C ALA A 177 1.95 -35.16 15.07
N GLN A 178 2.57 -35.55 13.96
CA GLN A 178 1.89 -35.88 12.73
C GLN A 178 2.31 -37.27 12.28
N PHE A 179 1.34 -38.01 11.75
CA PHE A 179 1.55 -39.35 11.22
C PHE A 179 1.41 -39.37 9.70
N TYR A 180 2.05 -40.34 9.07
CA TYR A 180 2.18 -40.41 7.63
C TYR A 180 2.41 -41.87 7.24
N VAL A 181 1.90 -42.26 6.06
CA VAL A 181 2.02 -43.62 5.58
C VAL A 181 2.62 -43.62 4.18
N ALA A 182 3.63 -44.48 3.97
CA ALA A 182 4.18 -44.69 2.65
C ALA A 182 4.70 -46.11 2.57
N ASN A 183 4.35 -46.80 1.49
CA ASN A 183 4.83 -48.16 1.24
C ASN A 183 4.60 -49.07 2.44
N GLY A 184 3.40 -48.96 3.00
CA GLY A 184 2.98 -49.79 4.12
C GLY A 184 3.66 -49.51 5.43
N GLU A 185 4.35 -48.38 5.55
CA GLU A 185 5.11 -48.02 6.74
C GLU A 185 4.51 -46.75 7.35
N LEU A 186 4.40 -46.77 8.66
CA LEU A 186 3.93 -45.63 9.44
C LEU A 186 5.12 -44.83 9.95
N SER A 187 5.13 -43.54 9.66
CA SER A 187 6.12 -42.61 10.20
C SER A 187 5.43 -41.57 11.09
N CYS A 188 6.23 -40.99 11.97
CA CYS A 188 5.75 -39.99 12.92
C CYS A 188 6.76 -38.88 12.96
N GLN A 189 6.29 -37.64 12.89
CA GLN A 189 7.11 -36.49 13.18
C GLN A 189 6.56 -35.77 14.39
N LEU A 190 7.43 -35.53 15.35
CA LEU A 190 7.12 -34.78 16.55
C LEU A 190 7.72 -33.40 16.47
N TYR A 191 6.90 -32.38 16.70
CA TYR A 191 7.37 -31.01 16.96
C TYR A 191 7.46 -30.81 18.45
N GLN A 192 8.69 -30.57 18.96
CA GLN A 192 8.96 -30.41 20.38
C GLN A 192 9.51 -29.01 20.57
N ARG A 193 8.73 -28.16 21.25
CA ARG A 193 9.10 -26.75 21.33
C ARG A 193 10.34 -26.52 22.16
N SER A 194 10.68 -27.46 23.05
CA SER A 194 11.70 -27.26 24.06
C SER A 194 12.22 -28.62 24.44
N GLY A 195 13.52 -28.83 24.28
CA GLY A 195 14.13 -30.11 24.54
C GLY A 195 15.36 -29.96 25.39
N ASP A 196 15.29 -30.54 26.59
CA ASP A 196 16.43 -30.67 27.48
C ASP A 196 17.24 -31.84 26.93
N VAL A 197 18.31 -31.52 26.21
CA VAL A 197 19.01 -32.51 25.41
C VAL A 197 19.65 -33.59 26.28
N GLY A 198 20.11 -33.23 27.48
CA GLY A 198 20.72 -34.21 28.37
C GLY A 198 19.74 -35.14 29.06
N LEU A 199 18.53 -34.67 29.41
CA LEU A 199 17.61 -35.44 30.24
C LEU A 199 16.36 -35.86 29.46
N GLY A 200 15.47 -34.93 29.16
CA GLY A 200 14.20 -35.31 28.55
C GLY A 200 14.32 -35.88 27.15
N VAL A 201 15.17 -35.28 26.31
CA VAL A 201 15.16 -35.62 24.87
C VAL A 201 15.39 -37.11 24.61
N PRO A 202 16.38 -37.78 25.21
CA PRO A 202 16.54 -39.22 24.95
C PRO A 202 15.31 -40.02 25.32
N PHE A 203 14.68 -39.62 26.42
CA PHE A 203 13.50 -40.32 26.90
C PHE A 203 12.34 -40.09 25.94
N ASN A 204 12.19 -38.84 25.48
CA ASN A 204 11.13 -38.49 24.53
C ASN A 204 11.31 -39.21 23.19
N ILE A 205 12.56 -39.38 22.73
CA ILE A 205 12.80 -40.13 21.49
C ILE A 205 12.31 -41.57 21.64
N ALA A 206 12.67 -42.22 22.74
CA ALA A 206 12.25 -43.58 22.98
C ALA A 206 10.73 -43.68 23.08
N SER A 207 10.11 -42.70 23.72
CA SER A 207 8.67 -42.69 23.94
C SER A 207 7.89 -42.65 22.63
N TYR A 208 8.21 -41.67 21.77
CA TYR A 208 7.46 -41.53 20.53
C TYR A 208 7.80 -42.62 19.53
N SER A 209 9.02 -43.16 19.59
CA SER A 209 9.34 -44.31 18.76
C SER A 209 8.53 -45.53 19.19
N LEU A 210 8.40 -45.76 20.49
CA LEU A 210 7.53 -46.82 21.00
C LEU A 210 6.11 -46.59 20.56
N LEU A 211 5.62 -45.34 20.70
CA LEU A 211 4.26 -45.05 20.29
C LEU A 211 4.03 -45.41 18.83
N THR A 212 5.01 -45.08 17.98
CA THR A 212 4.86 -45.36 16.55
C THR A 212 4.81 -46.86 16.30
N HIS A 213 5.66 -47.61 16.98
CA HIS A 213 5.60 -49.08 16.88
C HIS A 213 4.23 -49.60 17.32
N LEU A 214 3.73 -49.09 18.44
CA LEU A 214 2.45 -49.60 18.94
C LEU A 214 1.32 -49.25 17.98
N MET A 215 1.29 -48.01 17.49
CA MET A 215 0.24 -47.62 16.56
C MET A 215 0.28 -48.45 15.28
N ALA A 216 1.48 -48.67 14.74
CA ALA A 216 1.58 -49.49 13.53
C ALA A 216 0.98 -50.87 13.76
N SER A 217 1.22 -51.45 14.93
CA SER A 217 0.69 -52.78 15.23
C SER A 217 -0.84 -52.77 15.35
N MET A 218 -1.44 -51.63 15.71
CA MET A 218 -2.88 -51.51 15.83
C MET A 218 -3.57 -51.41 14.47
N VAL A 219 -2.86 -50.99 13.42
CA VAL A 219 -3.47 -50.67 12.13
C VAL A 219 -2.94 -51.51 10.97
N GLY A 220 -2.16 -52.54 11.24
CA GLY A 220 -1.69 -53.40 10.17
C GLY A 220 -0.58 -52.84 9.33
N LEU A 221 0.20 -51.89 9.86
CA LEU A 221 1.33 -51.33 9.15
C LEU A 221 2.63 -51.73 9.86
N LYS A 222 3.74 -51.48 9.18
CA LYS A 222 5.06 -51.64 9.74
C LYS A 222 5.61 -50.27 10.11
N PRO A 223 6.45 -50.18 11.14
CA PRO A 223 7.02 -48.87 11.49
C PRO A 223 8.00 -48.40 10.43
N GLY A 224 7.97 -47.09 10.17
CA GLY A 224 8.85 -46.49 9.19
C GLY A 224 9.95 -45.69 9.83
N GLU A 225 9.71 -44.40 10.06
CA GLU A 225 10.69 -43.49 10.62
C GLU A 225 10.07 -42.65 11.73
N PHE A 226 10.88 -42.32 12.73
CA PHE A 226 10.53 -41.31 13.73
C PHE A 226 11.42 -40.10 13.53
N ILE A 227 10.80 -38.93 13.36
CA ILE A 227 11.50 -37.66 13.15
C ILE A 227 11.19 -36.75 14.32
N LEU A 228 12.23 -36.25 14.98
CA LEU A 228 12.09 -35.29 16.05
C LEU A 228 12.56 -33.94 15.54
N THR A 229 11.66 -32.96 15.50
CA THR A 229 12.02 -31.58 15.14
C THR A 229 11.91 -30.72 16.38
N LEU A 230 13.02 -30.10 16.79
CA LEU A 230 13.06 -29.29 18.00
C LEU A 230 12.93 -27.81 17.68
N GLY A 231 12.33 -27.09 18.62
CA GLY A 231 12.41 -25.65 18.69
C GLY A 231 13.68 -25.27 19.41
N ASP A 232 13.58 -24.88 20.68
CA ASP A 232 14.75 -24.57 21.52
C ASP A 232 15.36 -25.88 22.01
N ALA A 233 16.44 -26.30 21.37
CA ALA A 233 17.22 -27.46 21.76
C ALA A 233 18.37 -26.97 22.62
N HIS A 234 18.42 -27.40 23.88
CA HIS A 234 19.35 -26.82 24.82
C HIS A 234 20.02 -27.86 25.70
N ILE A 235 21.26 -27.56 26.07
CA ILE A 235 22.00 -28.28 27.10
C ILE A 235 22.08 -27.37 28.32
N TYR A 236 21.59 -27.84 29.45
CA TYR A 236 21.76 -27.10 30.69
C TYR A 236 23.23 -27.07 31.09
N ASN A 237 23.67 -25.92 31.60
CA ASN A 237 25.08 -25.77 31.94
C ASN A 237 25.56 -26.84 32.92
N THR A 238 24.66 -27.30 33.78
CA THR A 238 24.97 -28.34 34.77
C THR A 238 25.21 -29.70 34.13
N HIS A 239 24.86 -29.90 32.86
CA HIS A 239 25.01 -31.17 32.19
C HIS A 239 26.22 -31.25 31.27
N ILE A 240 26.95 -30.16 31.08
CA ILE A 240 28.00 -30.13 30.06
C ILE A 240 29.05 -31.21 30.32
N GLU A 241 29.53 -31.31 31.56
CA GLU A 241 30.63 -32.24 31.80
C GLU A 241 30.20 -33.68 31.63
N VAL A 242 29.02 -34.04 32.11
CA VAL A 242 28.56 -35.41 31.95
C VAL A 242 28.31 -35.72 30.47
N LEU A 243 27.80 -34.76 29.69
CA LEU A 243 27.59 -35.03 28.27
C LEU A 243 28.90 -35.17 27.52
N LYS A 244 29.92 -34.41 27.91
CA LYS A 244 31.23 -34.63 27.30
C LYS A 244 31.73 -36.05 27.58
N LYS A 245 31.49 -36.57 28.79
CA LYS A 245 31.86 -37.95 29.10
C LYS A 245 31.06 -38.92 28.23
N GLN A 246 29.77 -38.65 28.04
CA GLN A 246 28.96 -39.54 27.22
C GLN A 246 29.49 -39.60 25.79
N LEU A 247 29.97 -38.46 25.27
CA LEU A 247 30.45 -38.42 23.89
C LEU A 247 31.67 -39.31 23.68
N CYS A 248 32.36 -39.70 24.76
CA CYS A 248 33.50 -40.61 24.60
C CYS A 248 33.12 -42.06 24.46
N ARG A 249 31.86 -42.42 24.69
CA ARG A 249 31.43 -43.79 24.62
C ARG A 249 31.05 -44.19 23.20
N VAL A 250 31.48 -45.35 22.77
CA VAL A 250 31.19 -45.79 21.40
C VAL A 250 29.78 -46.39 21.36
N PRO A 251 28.89 -45.93 20.47
CA PRO A 251 27.56 -46.53 20.40
C PRO A 251 27.62 -48.00 20.02
N ARG A 252 26.64 -48.73 20.52
CA ARG A 252 26.34 -50.09 20.11
C ARG A 252 25.05 -50.10 19.31
N PRO A 253 24.77 -51.18 18.57
CA PRO A 253 23.53 -51.23 17.80
C PRO A 253 22.32 -51.03 18.68
N PHE A 254 21.34 -50.30 18.15
CA PHE A 254 20.12 -50.06 18.89
C PHE A 254 19.40 -51.37 19.14
N PRO A 255 18.62 -51.44 20.20
CA PRO A 255 17.80 -52.63 20.44
C PRO A 255 16.63 -52.72 19.48
N LYS A 256 15.89 -53.81 19.60
CA LYS A 256 14.72 -54.05 18.78
C LYS A 256 13.51 -54.17 19.69
N LEU A 257 12.37 -53.67 19.22
CA LEU A 257 11.13 -53.84 19.93
C LEU A 257 10.41 -55.04 19.36
N ARG A 258 10.04 -55.95 20.24
CA ARG A 258 9.29 -57.14 19.87
C ARG A 258 7.89 -57.02 20.45
N ILE A 259 6.90 -56.84 19.59
CA ILE A 259 5.50 -56.79 20.03
C ILE A 259 4.95 -58.21 20.01
N LEU A 260 4.43 -58.64 21.15
CA LEU A 260 3.98 -60.01 21.33
C LEU A 260 2.52 -60.19 20.97
N MET A 261 1.72 -59.15 21.18
CA MET A 261 0.32 -59.11 20.80
C MET A 261 -0.11 -57.67 20.75
N ALA A 262 -1.19 -57.43 20.03
CA ALA A 262 -1.85 -56.15 19.99
C ALA A 262 -3.26 -56.29 20.54
N PRO A 263 -3.67 -55.45 21.48
CA PRO A 263 -5.02 -55.53 22.03
C PRO A 263 -6.01 -54.86 21.09
N GLU A 264 -7.27 -54.89 21.50
CA GLU A 264 -8.32 -54.33 20.64
C GLU A 264 -8.28 -52.81 20.59
N LYS A 265 -7.91 -52.16 21.69
CA LYS A 265 -7.79 -50.71 21.75
C LYS A 265 -6.42 -50.36 22.30
N ILE A 266 -5.84 -49.28 21.78
CA ILE A 266 -4.45 -48.96 22.07
C ILE A 266 -4.24 -48.73 23.57
N GLU A 267 -5.24 -48.16 24.25
CA GLU A 267 -5.15 -47.94 25.68
C GLU A 267 -5.16 -49.22 26.50
N ASP A 268 -5.35 -50.37 25.88
CA ASP A 268 -5.26 -51.63 26.60
C ASP A 268 -3.86 -52.24 26.56
N PHE A 269 -2.90 -51.59 25.88
CA PHE A 269 -1.54 -52.14 25.87
C PHE A 269 -0.97 -52.15 27.28
N THR A 270 -0.26 -53.23 27.61
CA THR A 270 0.48 -53.33 28.84
C THR A 270 1.92 -53.72 28.56
N ILE A 271 2.77 -53.55 29.57
CA ILE A 271 4.19 -53.85 29.39
C ILE A 271 4.45 -55.32 29.10
N ASP A 272 3.51 -56.22 29.42
CA ASP A 272 3.66 -57.63 29.10
C ASP A 272 3.48 -57.92 27.61
N MET A 273 3.01 -56.96 26.82
CA MET A 273 2.71 -57.23 25.43
C MET A 273 3.86 -56.92 24.48
N PHE A 274 4.98 -56.45 24.98
CA PHE A 274 6.12 -56.16 24.13
C PHE A 274 7.34 -56.12 25.00
N TYR A 275 8.49 -56.33 24.38
CA TYR A 275 9.72 -56.24 25.15
C TYR A 275 10.84 -55.73 24.28
N LEU A 276 11.86 -55.29 24.97
CA LEU A 276 13.03 -54.71 24.34
C LEU A 276 14.08 -55.81 24.24
N GLU A 277 14.54 -56.10 23.02
CA GLU A 277 15.48 -57.17 22.75
C GLU A 277 16.87 -56.59 22.49
N GLY A 278 17.88 -57.13 23.18
CA GLY A 278 19.26 -56.77 22.85
C GLY A 278 19.69 -55.38 23.26
N TYR A 279 19.09 -54.83 24.32
CA TYR A 279 19.50 -53.52 24.78
C TYR A 279 20.76 -53.67 25.62
N GLN A 280 21.85 -53.04 25.17
CA GLN A 280 23.18 -53.19 25.77
C GLN A 280 23.78 -51.82 25.98
N PRO A 281 23.22 -51.02 26.88
CA PRO A 281 23.77 -49.69 27.13
C PRO A 281 25.07 -49.75 27.92
N HIS A 282 25.88 -48.71 27.76
CA HIS A 282 27.03 -48.55 28.62
C HIS A 282 26.59 -48.53 30.08
N SER A 283 27.36 -49.19 30.93
CA SER A 283 26.88 -49.49 32.28
C SER A 283 27.04 -48.34 33.26
N GLY A 284 28.05 -47.50 33.08
CA GLY A 284 28.34 -46.44 34.03
C GLY A 284 27.27 -45.37 34.00
N ASN A 285 26.52 -45.25 35.09
CA ASN A 285 25.39 -44.33 35.12
C ASN A 285 25.85 -42.87 35.04
N LEU A 286 25.13 -42.08 34.25
CA LEU A 286 25.40 -40.66 34.06
C LEU A 286 24.22 -39.89 34.62
N GLN A 287 24.48 -39.03 35.60
CA GLN A 287 23.44 -38.28 36.28
C GLN A 287 23.31 -36.88 35.69
N MET A 288 22.12 -36.57 35.17
CA MET A 288 21.77 -35.25 34.67
CA MET A 288 21.78 -35.24 34.67
C MET A 288 20.66 -34.72 35.58
N LYS A 289 21.02 -33.87 36.53
CA LYS A 289 20.02 -33.38 37.47
C LYS A 289 19.02 -32.49 36.77
N MET A 290 17.74 -32.69 37.09
CA MET A 290 16.68 -31.89 36.51
C MET A 290 16.74 -30.47 37.06
N ALA A 291 16.80 -29.50 36.17
CA ALA A 291 16.76 -28.10 36.56
C ALA A 291 15.33 -27.73 36.97
N VAL A 292 15.20 -27.11 38.14
CA VAL A 292 13.87 -26.76 38.66
C VAL A 292 13.84 -25.31 39.14
N ALA B 3 25.85 -24.71 -3.54
CA ALA B 3 24.58 -25.26 -4.09
C ALA B 3 23.74 -25.93 -3.01
N MET B 4 23.96 -25.54 -1.75
CA MET B 4 23.14 -26.05 -0.65
C MET B 4 22.36 -24.98 0.09
N GLU B 5 22.80 -23.73 0.09
CA GLU B 5 22.16 -22.69 0.89
C GLU B 5 21.15 -21.89 0.09
N GLY B 6 20.31 -21.15 0.82
CA GLY B 6 19.38 -20.22 0.21
C GLY B 6 18.37 -20.93 -0.66
N GLU B 7 18.16 -20.38 -1.86
CA GLU B 7 17.15 -20.93 -2.76
C GLU B 7 17.45 -22.37 -3.17
N HIS B 8 18.71 -22.79 -3.08
CA HIS B 8 19.02 -24.19 -3.38
C HIS B 8 18.33 -25.15 -2.42
N GLN B 9 17.99 -24.70 -1.21
CA GLN B 9 17.18 -25.52 -0.29
C GLN B 9 15.90 -25.94 -0.98
N TYR B 10 15.25 -25.00 -1.65
CA TYR B 10 13.97 -25.27 -2.30
C TYR B 10 14.17 -26.12 -3.55
N LEU B 11 15.14 -25.77 -4.38
CA LEU B 11 15.38 -26.54 -5.60
C LEU B 11 15.79 -27.97 -5.27
N ASN B 12 16.60 -28.15 -4.23
CA ASN B 12 16.98 -29.51 -3.83
C ASN B 12 15.78 -30.28 -3.30
N LEU B 13 14.84 -29.60 -2.63
CA LEU B 13 13.63 -30.28 -2.18
C LEU B 13 12.79 -30.75 -3.37
N VAL B 14 12.62 -29.90 -4.38
CA VAL B 14 11.93 -30.30 -5.60
C VAL B 14 12.58 -31.56 -6.19
N ARG B 15 13.90 -31.53 -6.37
CA ARG B 15 14.60 -32.68 -6.93
C ARG B 15 14.38 -33.93 -6.09
N GLU B 16 14.44 -33.79 -4.76
CA GLU B 16 14.29 -34.93 -3.88
C GLU B 16 12.92 -35.58 -4.03
N ILE B 17 11.86 -34.78 -4.10
CA ILE B 17 10.53 -35.32 -4.27
C ILE B 17 10.37 -35.98 -5.63
N LEU B 18 10.85 -35.33 -6.69
CA LEU B 18 10.73 -35.95 -8.01
C LEU B 18 11.45 -37.29 -8.03
N GLU B 19 12.60 -37.39 -7.35
CA GLU B 19 13.41 -38.61 -7.46
C GLU B 19 12.95 -39.71 -6.53
N ARG B 20 12.61 -39.38 -5.27
CA ARG B 20 12.29 -40.39 -4.28
C ARG B 20 10.91 -40.24 -3.64
N GLY B 21 10.12 -39.26 -4.06
CA GLY B 21 8.76 -39.15 -3.56
C GLY B 21 7.91 -40.35 -3.93
N VAL B 22 7.01 -40.71 -3.04
CA VAL B 22 6.06 -41.80 -3.26
C VAL B 22 4.75 -41.27 -3.84
N LYS B 23 4.08 -42.08 -4.67
CA LYS B 23 2.80 -41.71 -5.24
C LYS B 23 1.67 -41.76 -4.21
N LYS B 24 0.81 -40.73 -4.20
CA LYS B 24 -0.33 -40.65 -3.28
C LYS B 24 -1.61 -40.22 -3.98
N ASP B 25 -2.70 -40.95 -3.74
CA ASP B 25 -4.07 -40.57 -4.14
C ASP B 25 -4.67 -39.63 -3.10
N ASP B 26 -4.44 -38.33 -3.29
CA ASP B 26 -4.78 -37.34 -2.28
C ASP B 26 -6.23 -36.87 -2.38
N ARG B 27 -6.61 -36.04 -1.39
CA ARG B 27 -7.96 -35.52 -1.24
C ARG B 27 -8.50 -34.89 -2.52
N THR B 28 -7.68 -34.12 -3.24
CA THR B 28 -8.19 -33.36 -4.39
C THR B 28 -8.50 -34.24 -5.59
N GLY B 29 -8.01 -35.47 -5.62
CA GLY B 29 -8.10 -36.31 -6.79
C GLY B 29 -7.06 -36.05 -7.86
N THR B 30 -6.17 -35.07 -7.67
CA THR B 30 -5.15 -34.78 -8.68
C THR B 30 -3.99 -35.77 -8.65
N GLY B 31 -3.56 -36.21 -7.46
CA GLY B 31 -2.43 -37.12 -7.31
C GLY B 31 -1.10 -36.42 -7.09
N THR B 32 -0.23 -37.00 -6.26
CA THR B 32 1.02 -36.34 -5.90
C THR B 32 2.17 -37.33 -5.80
N LEU B 33 3.38 -36.76 -5.76
CA LEU B 33 4.58 -37.40 -5.24
C LEU B 33 4.92 -36.74 -3.91
N SER B 34 5.30 -37.54 -2.91
CA SER B 34 5.34 -37.06 -1.55
C SER B 34 6.54 -37.63 -0.77
N ILE B 35 7.12 -36.77 0.07
CA ILE B 35 8.03 -37.16 1.15
C ILE B 35 7.54 -36.55 2.45
N PHE B 36 8.08 -37.03 3.56
CA PHE B 36 7.65 -36.63 4.89
C PHE B 36 8.80 -36.04 5.70
N GLY B 37 8.57 -34.90 6.33
CA GLY B 37 9.50 -34.35 7.26
C GLY B 37 10.68 -33.52 6.76
N PRO B 38 10.71 -33.01 5.53
CA PRO B 38 11.88 -32.22 5.14
C PRO B 38 11.86 -30.83 5.75
N GLN B 39 13.06 -30.31 6.01
CA GLN B 39 13.25 -29.01 6.61
C GLN B 39 14.10 -28.14 5.69
N MET B 40 13.78 -26.85 5.62
CA MET B 40 14.60 -25.87 4.93
C MET B 40 14.81 -24.69 5.85
N ARG B 41 15.96 -24.04 5.72
CA ARG B 41 16.35 -22.94 6.59
C ARG B 41 16.83 -21.79 5.72
N PHE B 42 16.40 -20.57 6.06
CA PHE B 42 16.74 -19.38 5.29
C PHE B 42 17.23 -18.26 6.20
N SER B 43 18.39 -17.69 5.86
CA SER B 43 18.89 -16.55 6.61
C SER B 43 18.11 -15.28 6.26
N LEU B 44 17.79 -14.52 7.29
CA LEU B 44 17.15 -13.23 7.16
C LEU B 44 18.11 -12.10 7.51
N ARG B 45 19.39 -12.42 7.68
CA ARG B 45 20.39 -11.43 7.99
C ARG B 45 20.67 -10.53 6.78
N ASP B 46 21.24 -9.37 7.06
CA ASP B 46 21.57 -8.40 6.00
C ASP B 46 20.31 -8.03 5.20
N ASP B 47 19.17 -7.96 5.89
CA ASP B 47 17.86 -7.58 5.34
C ASP B 47 17.28 -8.58 4.35
N THR B 48 17.89 -9.75 4.19
CA THR B 48 17.49 -10.71 3.18
C THR B 48 16.10 -11.29 3.46
N ILE B 49 15.34 -11.50 2.40
CA ILE B 49 14.06 -12.18 2.50
C ILE B 49 13.97 -13.21 1.37
N PRO B 50 13.68 -14.50 1.68
CA PRO B 50 13.77 -15.55 0.64
C PRO B 50 12.54 -15.64 -0.25
N VAL B 51 12.40 -14.67 -1.12
CA VAL B 51 11.42 -14.68 -2.20
C VAL B 51 12.09 -15.27 -3.43
N LEU B 52 11.60 -16.41 -3.92
CA LEU B 52 12.29 -17.17 -4.96
C LEU B 52 12.57 -16.31 -6.18
N THR B 53 13.75 -16.49 -6.74
CA THR B 53 14.11 -15.85 -7.98
C THR B 53 14.00 -16.78 -9.19
N THR B 54 13.92 -18.10 -9.00
CA THR B 54 13.77 -18.96 -10.16
C THR B 54 12.34 -19.00 -10.69
N LYS B 55 11.40 -18.38 -9.97
CA LYS B 55 10.04 -18.19 -10.42
C LYS B 55 9.55 -16.91 -9.77
N LYS B 56 8.86 -16.06 -10.54
CA LYS B 56 8.27 -14.85 -9.97
C LYS B 56 7.16 -15.24 -8.98
N ILE B 57 7.30 -14.78 -7.73
CA ILE B 57 6.33 -15.01 -6.67
C ILE B 57 5.36 -13.84 -6.64
N PHE B 58 4.11 -14.13 -6.29
CA PHE B 58 3.04 -13.14 -6.24
C PHE B 58 3.17 -12.32 -4.95
N TRP B 59 4.17 -11.45 -4.95
CA TRP B 59 4.54 -10.72 -3.74
C TRP B 59 3.40 -9.87 -3.22
N ARG B 60 2.68 -9.17 -4.11
CA ARG B 60 1.56 -8.36 -3.64
C ARG B 60 0.54 -9.21 -2.92
N GLY B 61 0.31 -10.43 -3.42
CA GLY B 61 -0.57 -11.36 -2.72
C GLY B 61 -0.01 -11.79 -1.38
N VAL B 62 1.31 -12.08 -1.30
CA VAL B 62 1.92 -12.44 -0.01
C VAL B 62 1.62 -11.37 1.01
N VAL B 63 1.89 -10.12 0.65
CA VAL B 63 1.74 -9.02 1.59
C VAL B 63 0.31 -8.90 2.05
N GLU B 64 -0.61 -8.81 1.08
CA GLU B 64 -2.00 -8.57 1.47
C GLU B 64 -2.62 -9.75 2.22
N GLU B 65 -2.27 -10.99 1.84
CA GLU B 65 -2.75 -12.13 2.63
C GLU B 65 -2.22 -12.05 4.05
N LEU B 66 -0.95 -11.69 4.21
CA LEU B 66 -0.38 -11.65 5.56
C LEU B 66 -1.04 -10.56 6.41
N LEU B 67 -1.24 -9.35 5.84
CA LEU B 67 -1.89 -8.30 6.61
C LEU B 67 -3.32 -8.70 6.97
N TRP B 68 -4.01 -9.40 6.07
CA TRP B 68 -5.34 -9.95 6.35
C TRP B 68 -5.30 -10.95 7.50
N PHE B 69 -4.33 -11.87 7.49
CA PHE B 69 -4.13 -12.77 8.63
C PHE B 69 -3.90 -12.00 9.92
N ILE B 70 -2.99 -11.04 9.89
CA ILE B 70 -2.61 -10.30 11.10
C ILE B 70 -3.80 -9.56 11.69
N ARG B 71 -4.70 -9.07 10.84
CA ARG B 71 -5.93 -8.45 11.31
C ARG B 71 -6.95 -9.46 11.86
N GLY B 72 -6.70 -10.74 11.71
CA GLY B 72 -7.65 -11.74 12.14
C GLY B 72 -8.79 -11.96 11.19
N ASN B 73 -8.68 -11.47 9.96
CA ASN B 73 -9.80 -11.49 9.02
C ASN B 73 -9.87 -12.82 8.30
N THR B 74 -11.09 -13.19 7.89
CA THR B 74 -11.37 -14.51 7.34
C THR B 74 -12.30 -14.44 6.13
N ASP B 75 -12.55 -13.27 5.62
CA ASP B 75 -13.44 -13.06 4.47
C ASP B 75 -12.59 -12.98 3.20
N ALA B 76 -12.69 -14.00 2.36
CA ALA B 76 -11.98 -13.98 1.09
C ALA B 76 -12.41 -12.80 0.22
N LYS B 77 -13.63 -12.27 0.42
CA LYS B 77 -14.07 -11.16 -0.39
C LYS B 77 -13.22 -9.92 -0.14
N GLU B 78 -12.63 -9.80 1.05
CA GLU B 78 -11.77 -8.64 1.32
C GLU B 78 -10.50 -8.69 0.48
N LEU B 79 -9.95 -9.88 0.29
CA LEU B 79 -8.84 -10.08 -0.63
C LEU B 79 -9.28 -9.90 -2.08
N ALA B 80 -10.44 -10.40 -2.44
CA ALA B 80 -10.90 -10.28 -3.81
C ALA B 80 -11.14 -8.83 -4.22
N LYS B 81 -11.52 -7.96 -3.27
CA LYS B 81 -11.69 -6.55 -3.63
C LYS B 81 -10.38 -5.94 -4.09
N LYS B 82 -9.25 -6.51 -3.68
CA LYS B 82 -7.93 -6.07 -4.13
C LYS B 82 -7.42 -6.90 -5.30
N LYS B 83 -8.29 -7.70 -5.93
CA LYS B 83 -7.89 -8.60 -7.00
C LYS B 83 -6.84 -9.61 -6.53
N ILE B 84 -7.01 -10.10 -5.30
CA ILE B 84 -6.22 -11.22 -4.80
C ILE B 84 -7.20 -12.37 -4.59
N HIS B 85 -7.17 -13.35 -5.49
CA HIS B 85 -8.25 -14.33 -5.60
C HIS B 85 -7.87 -15.68 -5.07
N ILE B 86 -6.76 -15.75 -4.34
CA ILE B 86 -6.16 -17.02 -3.95
C ILE B 86 -7.03 -17.85 -3.03
N TRP B 87 -7.99 -17.25 -2.30
CA TRP B 87 -8.86 -17.99 -1.42
C TRP B 87 -10.29 -18.09 -1.96
N ASN B 88 -10.56 -17.58 -3.16
CA ASN B 88 -11.92 -17.58 -3.67
C ASN B 88 -12.44 -18.99 -3.88
N ALA B 89 -11.63 -19.89 -4.40
CA ALA B 89 -12.13 -21.25 -4.68
C ALA B 89 -12.57 -21.97 -3.40
N ASN B 90 -11.83 -21.81 -2.32
CA ASN B 90 -12.22 -22.47 -1.07
C ASN B 90 -13.34 -21.75 -0.33
N GLY B 91 -13.69 -20.56 -0.76
CA GLY B 91 -14.83 -19.85 -0.22
C GLY B 91 -16.07 -19.88 -1.08
N SER B 92 -16.07 -20.63 -2.19
CA SER B 92 -17.20 -20.62 -3.08
C SER B 92 -18.39 -21.35 -2.46
N ARG B 93 -19.57 -21.00 -2.96
CA ARG B 93 -20.79 -21.68 -2.53
C ARG B 93 -20.63 -23.19 -2.66
N GLU B 94 -20.12 -23.65 -3.80
CA GLU B 94 -19.96 -25.08 -4.05
C GLU B 94 -19.00 -25.70 -3.03
N PHE B 95 -17.86 -25.06 -2.79
CA PHE B 95 -16.89 -25.66 -1.88
C PHE B 95 -17.42 -25.66 -0.45
N LEU B 96 -18.01 -24.56 -0.03
CA LEU B 96 -18.56 -24.48 1.32
C LEU B 96 -19.64 -25.52 1.54
N ASP B 97 -20.52 -25.69 0.55
CA ASP B 97 -21.57 -26.70 0.68
C ASP B 97 -20.95 -28.09 0.77
N SER B 98 -19.86 -28.35 0.04
CA SER B 98 -19.22 -29.66 0.12
C SER B 98 -18.65 -29.94 1.50
N ARG B 99 -18.39 -28.91 2.30
CA ARG B 99 -17.92 -29.05 3.68
C ARG B 99 -19.08 -29.09 4.67
N GLY B 100 -20.31 -29.05 4.20
CA GLY B 100 -21.45 -29.01 5.10
C GLY B 100 -21.73 -27.64 5.64
N LEU B 101 -21.15 -26.59 5.05
CA LEU B 101 -21.27 -25.23 5.59
C LEU B 101 -22.29 -24.42 4.79
N TYR B 102 -23.52 -24.92 4.78
CA TYR B 102 -24.55 -24.38 3.91
C TYR B 102 -24.95 -22.98 4.34
N ASP B 103 -24.86 -22.69 5.63
CA ASP B 103 -25.32 -21.41 6.15
C ASP B 103 -24.28 -20.31 5.97
N ARG B 104 -23.09 -20.64 5.49
CA ARG B 104 -22.02 -19.65 5.32
C ARG B 104 -22.21 -18.84 4.07
N ALA B 105 -22.01 -17.53 4.18
CA ALA B 105 -21.96 -16.69 3.01
C ALA B 105 -20.73 -17.03 2.17
N GLU B 106 -20.89 -16.91 0.85
CA GLU B 106 -19.76 -17.10 -0.04
C GLU B 106 -18.61 -16.19 0.40
N GLY B 107 -17.42 -16.76 0.43
CA GLY B 107 -16.24 -16.04 0.86
C GLY B 107 -15.91 -16.17 2.34
N ASP B 108 -16.84 -16.62 3.15
CA ASP B 108 -16.62 -16.69 4.59
C ASP B 108 -15.94 -18.02 4.89
N LEU B 109 -14.63 -17.98 5.06
CA LEU B 109 -13.83 -19.21 5.19
C LEU B 109 -13.95 -19.84 6.57
N GLY B 110 -14.54 -19.15 7.53
CA GLY B 110 -14.62 -19.65 8.88
C GLY B 110 -13.44 -19.19 9.68
N PRO B 111 -13.24 -19.80 10.89
CA PRO B 111 -12.21 -19.37 11.85
C PRO B 111 -10.83 -19.89 11.47
N VAL B 112 -10.34 -19.43 10.32
CA VAL B 112 -9.10 -19.92 9.76
C VAL B 112 -7.95 -19.01 10.17
N TYR B 113 -6.73 -19.55 10.07
CA TYR B 113 -5.46 -18.87 10.20
C TYR B 113 -5.46 -17.70 11.18
N GLY B 114 -5.49 -16.46 10.68
CA GLY B 114 -5.33 -15.30 11.54
C GLY B 114 -6.41 -15.17 12.60
N PHE B 115 -7.61 -15.72 12.36
CA PHE B 115 -8.61 -15.74 13.42
C PHE B 115 -8.09 -16.50 14.63
N GLN B 116 -7.44 -17.64 14.40
CA GLN B 116 -6.84 -18.37 15.49
C GLN B 116 -5.64 -17.64 16.08
N TRP B 117 -4.82 -16.99 15.24
CA TRP B 117 -3.68 -16.26 15.76
C TRP B 117 -4.09 -15.19 16.76
N ARG B 118 -5.18 -14.48 16.48
CA ARG B 118 -5.58 -13.32 17.26
C ARG B 118 -6.73 -13.58 18.22
N HIS B 119 -7.51 -14.65 18.02
CA HIS B 119 -8.75 -14.90 18.76
C HIS B 119 -8.93 -16.37 19.10
N PHE B 120 -7.85 -17.08 19.41
CA PHE B 120 -7.98 -18.52 19.65
C PHE B 120 -9.01 -18.79 20.74
N GLY B 121 -9.96 -19.65 20.44
CA GLY B 121 -10.98 -20.06 21.38
C GLY B 121 -12.25 -19.23 21.35
N ALA B 122 -12.26 -18.11 20.65
CA ALA B 122 -13.47 -17.31 20.52
C ALA B 122 -14.51 -18.07 19.71
N GLU B 123 -15.79 -17.80 20.00
CA GLU B 123 -16.87 -18.40 19.24
C GLU B 123 -17.03 -17.67 17.91
N TYR B 124 -17.02 -18.42 16.82
CA TYR B 124 -17.16 -17.81 15.51
C TYR B 124 -18.62 -17.56 15.18
N ASP B 125 -18.89 -16.40 14.60
CA ASP B 125 -20.21 -16.01 14.16
C ASP B 125 -20.13 -15.96 12.65
N THR B 126 -19.73 -14.83 12.04
CA THR B 126 -19.46 -14.73 10.62
C THR B 126 -18.13 -13.98 10.42
N CYS B 127 -17.70 -13.93 9.18
CA CYS B 127 -16.46 -13.23 8.89
C CYS B 127 -16.56 -11.74 9.12
N SER B 128 -17.76 -11.16 9.17
CA SER B 128 -17.90 -9.73 9.37
C SER B 128 -18.11 -9.34 10.82
N SER B 129 -18.19 -10.30 11.73
CA SER B 129 -18.45 -10.00 13.13
C SER B 129 -17.25 -9.31 13.79
N ASP B 130 -17.54 -8.64 14.89
CA ASP B 130 -16.51 -7.96 15.66
C ASP B 130 -15.96 -8.93 16.71
N TYR B 131 -14.68 -9.27 16.58
CA TYR B 131 -14.01 -10.16 17.52
C TYR B 131 -13.03 -9.43 18.43
N THR B 132 -13.09 -8.10 18.49
CA THR B 132 -12.18 -7.34 19.35
C THR B 132 -12.29 -7.83 20.78
N GLY B 133 -11.15 -8.16 21.37
CA GLY B 133 -11.08 -8.62 22.74
C GLY B 133 -11.53 -10.04 22.97
N LYS B 134 -11.89 -10.79 21.94
CA LYS B 134 -12.39 -12.14 22.12
C LYS B 134 -11.30 -13.17 21.83
N GLY B 135 -11.26 -14.20 22.62
CA GLY B 135 -10.28 -15.25 22.44
C GLY B 135 -8.90 -14.81 22.91
N ILE B 136 -7.94 -15.70 22.65
CA ILE B 136 -6.55 -15.50 23.08
C ILE B 136 -5.75 -14.92 21.92
N ASP B 137 -5.15 -13.75 22.14
CA ASP B 137 -4.35 -13.07 21.12
C ASP B 137 -2.91 -13.58 21.24
N GLN B 138 -2.66 -14.69 20.56
CA GLN B 138 -1.37 -15.34 20.63
C GLN B 138 -0.28 -14.43 20.09
N LEU B 139 -0.57 -13.71 19.01
CA LEU B 139 0.44 -12.89 18.38
C LEU B 139 0.81 -11.71 19.28
N ALA B 140 -0.18 -11.00 19.83
CA ALA B 140 0.15 -9.92 20.76
C ALA B 140 0.92 -10.44 21.97
N ASN B 141 0.58 -11.63 22.43
CA ASN B 141 1.27 -12.17 23.58
C ASN B 141 2.72 -12.47 23.25
N ILE B 142 2.99 -12.98 22.05
CA ILE B 142 4.36 -13.22 21.62
C ILE B 142 5.13 -11.91 21.58
N LEU B 143 4.55 -10.87 21.00
CA LEU B 143 5.27 -9.61 20.92
C LEU B 143 5.62 -9.07 22.30
N LYS B 144 4.71 -9.19 23.26
CA LYS B 144 5.00 -8.77 24.64
C LYS B 144 6.16 -9.61 25.20
N THR B 145 6.10 -10.92 25.01
CA THR B 145 7.14 -11.79 25.56
C THR B 145 8.49 -11.49 24.93
N LEU B 146 8.51 -11.21 23.63
CA LEU B 146 9.75 -10.84 22.99
C LEU B 146 10.39 -9.62 23.64
N ARG B 147 9.58 -8.65 24.06
CA ARG B 147 10.12 -7.44 24.67
CA ARG B 147 10.12 -7.45 24.68
C ARG B 147 10.58 -7.70 26.10
N GLU B 148 9.82 -8.51 26.84
CA GLU B 148 9.99 -8.62 28.27
C GLU B 148 10.76 -9.84 28.71
N ASN B 149 10.66 -10.95 27.99
CA ASN B 149 11.29 -12.21 28.39
C ASN B 149 11.64 -13.01 27.14
N PRO B 150 12.57 -12.50 26.34
CA PRO B 150 12.87 -13.12 25.04
C PRO B 150 13.43 -14.52 25.11
N ASP B 151 13.91 -14.97 26.27
CA ASP B 151 14.43 -16.32 26.40
C ASP B 151 13.31 -17.35 26.56
N ASP B 152 12.06 -16.92 26.67
CA ASP B 152 10.93 -17.82 26.86
C ASP B 152 10.90 -18.88 25.76
N ARG B 153 10.62 -20.12 26.17
CA ARG B 153 10.57 -21.27 25.26
C ARG B 153 9.14 -21.66 24.87
N ARG B 154 8.18 -20.76 25.07
CA ARG B 154 6.76 -21.01 24.84
C ARG B 154 6.13 -20.02 23.87
N MET B 155 6.91 -19.36 23.02
CA MET B 155 6.40 -18.34 22.09
C MET B 155 5.84 -19.04 20.85
N ILE B 156 4.62 -19.58 21.03
CA ILE B 156 3.96 -20.44 20.06
C ILE B 156 2.74 -19.69 19.55
N MET B 157 2.51 -19.75 18.23
CA MET B 157 1.31 -19.23 17.60
C MET B 157 0.74 -20.36 16.75
N THR B 158 -0.43 -20.88 17.12
CA THR B 158 -1.02 -22.00 16.39
C THR B 158 -2.37 -21.64 15.78
N ALA B 159 -2.63 -22.20 14.60
CA ALA B 159 -3.96 -22.22 14.03
C ALA B 159 -4.60 -23.59 14.13
N TRP B 160 -3.91 -24.57 14.71
CA TRP B 160 -4.44 -25.94 14.81
C TRP B 160 -5.32 -26.03 16.05
N ASN B 161 -6.60 -25.74 15.84
CA ASN B 161 -7.60 -25.81 16.89
C ASN B 161 -8.56 -26.95 16.57
N PRO B 162 -8.36 -28.14 17.16
CA PRO B 162 -9.26 -29.26 16.89
C PRO B 162 -10.74 -28.95 17.00
N MET B 163 -11.13 -28.06 17.92
CA MET B 163 -12.55 -27.77 18.11
CA MET B 163 -12.53 -27.77 18.12
C MET B 163 -13.13 -27.01 16.95
N ASP B 164 -12.33 -26.30 16.19
CA ASP B 164 -12.82 -25.42 15.13
C ASP B 164 -12.59 -25.97 13.72
N LEU B 165 -11.86 -27.08 13.58
CA LEU B 165 -11.54 -27.57 12.23
C LEU B 165 -12.79 -27.74 11.38
N HIS B 166 -13.85 -28.27 11.98
CA HIS B 166 -15.06 -28.54 11.19
C HIS B 166 -15.72 -27.27 10.65
N LEU B 167 -15.42 -26.11 11.23
CA LEU B 167 -15.95 -24.82 10.79
C LEU B 167 -15.09 -24.17 9.72
N MET B 168 -13.89 -24.68 9.46
CA MET B 168 -12.99 -24.07 8.52
C MET B 168 -13.22 -24.61 7.13
N ALA B 169 -13.07 -23.75 6.11
CA ALA B 169 -13.18 -24.23 4.75
C ALA B 169 -12.17 -25.33 4.45
N LEU B 170 -10.94 -25.15 4.92
CA LEU B 170 -9.86 -26.13 4.90
C LEU B 170 -9.14 -26.02 6.24
N PRO B 171 -8.60 -27.12 6.77
CA PRO B 171 -7.73 -27.00 7.94
C PRO B 171 -6.45 -26.29 7.56
N PRO B 172 -5.79 -25.62 8.52
CA PRO B 172 -4.59 -24.83 8.19
C PRO B 172 -3.47 -25.71 7.66
N CYS B 173 -2.81 -25.21 6.61
CA CYS B 173 -1.63 -25.89 6.06
C CYS B 173 -0.40 -25.54 6.88
N HIS B 174 -0.06 -24.25 6.91
CA HIS B 174 0.90 -23.69 7.85
C HIS B 174 0.20 -23.58 9.18
N MET B 175 0.59 -24.39 10.16
CA MET B 175 -0.28 -24.61 11.31
C MET B 175 0.24 -24.13 12.63
N THR B 176 1.55 -24.15 12.88
CA THR B 176 2.07 -23.74 14.18
C THR B 176 3.45 -23.14 13.98
N ALA B 177 3.67 -21.98 14.57
CA ALA B 177 4.94 -21.28 14.49
C ALA B 177 5.50 -21.05 15.89
N GLN B 178 6.82 -21.11 16.00
CA GLN B 178 7.49 -20.79 17.25
C GLN B 178 8.55 -19.73 16.97
N PHE B 179 8.72 -18.82 17.93
CA PHE B 179 9.72 -17.77 17.85
C PHE B 179 10.81 -18.00 18.88
N TYR B 180 11.99 -17.45 18.61
CA TYR B 180 13.18 -17.71 19.40
C TYR B 180 14.10 -16.51 19.24
N VAL B 181 14.81 -16.17 20.32
CA VAL B 181 15.75 -15.05 20.29
C VAL B 181 17.12 -15.51 20.79
N ALA B 182 18.17 -15.13 20.05
CA ALA B 182 19.55 -15.27 20.52
C ALA B 182 20.42 -14.20 19.88
N ASN B 183 21.30 -13.59 20.68
CA ASN B 183 22.26 -12.60 20.18
C ASN B 183 21.55 -11.50 19.38
N GLY B 184 20.43 -11.01 19.92
CA GLY B 184 19.68 -9.91 19.33
C GLY B 184 18.95 -10.24 18.05
N GLU B 185 18.84 -11.53 17.71
CA GLU B 185 18.19 -11.95 16.47
C GLU B 185 16.95 -12.78 16.77
N LEU B 186 15.88 -12.47 16.03
CA LEU B 186 14.62 -13.19 16.10
C LEU B 186 14.58 -14.25 15.01
N SER B 187 14.35 -15.50 15.40
CA SER B 187 14.10 -16.57 14.45
C SER B 187 12.69 -17.10 14.59
N CYS B 188 12.21 -17.73 13.52
CA CYS B 188 10.88 -18.29 13.46
C CYS B 188 11.01 -19.67 12.82
N GLN B 189 10.35 -20.65 13.44
CA GLN B 189 10.19 -21.97 12.83
C GLN B 189 8.71 -22.23 12.61
N LEU B 190 8.35 -22.59 11.39
CA LEU B 190 6.99 -22.95 11.04
C LEU B 190 6.91 -24.46 10.86
N TYR B 191 5.94 -25.08 11.53
CA TYR B 191 5.51 -26.45 11.25
C TYR B 191 4.32 -26.38 10.29
N GLN B 192 4.50 -26.92 9.10
CA GLN B 192 3.50 -26.92 8.04
C GLN B 192 3.16 -28.37 7.74
N ARG B 193 1.92 -28.79 8.09
CA ARG B 193 1.53 -30.19 7.97
C ARG B 193 1.47 -30.68 6.54
N SER B 194 1.30 -29.76 5.60
CA SER B 194 0.99 -30.12 4.22
C SER B 194 1.46 -28.96 3.35
N GLY B 195 2.33 -29.26 2.40
CA GLY B 195 2.89 -28.25 1.54
C GLY B 195 2.86 -28.63 0.09
N ASP B 196 2.10 -27.85 -0.66
CA ASP B 196 2.08 -27.93 -2.13
C ASP B 196 3.36 -27.24 -2.60
N VAL B 197 4.35 -28.06 -2.95
CA VAL B 197 5.68 -27.53 -3.17
C VAL B 197 5.75 -26.61 -4.36
N GLY B 198 4.94 -26.87 -5.41
CA GLY B 198 4.96 -26.00 -6.57
C GLY B 198 4.26 -24.67 -6.40
N LEU B 199 3.19 -24.62 -5.61
CA LEU B 199 2.34 -23.44 -5.54
C LEU B 199 2.41 -22.76 -4.18
N GLY B 200 1.83 -23.36 -3.15
CA GLY B 200 1.77 -22.71 -1.85
C GLY B 200 3.11 -22.51 -1.17
N VAL B 201 4.00 -23.51 -1.21
CA VAL B 201 5.21 -23.45 -0.37
C VAL B 201 6.07 -22.22 -0.63
N PRO B 202 6.38 -21.84 -1.89
CA PRO B 202 7.18 -20.61 -2.07
C PRO B 202 6.51 -19.38 -1.49
N PHE B 203 5.20 -19.30 -1.64
CA PHE B 203 4.43 -18.18 -1.12
C PHE B 203 4.44 -18.18 0.41
N ASN B 204 4.25 -19.36 1.01
CA ASN B 204 4.27 -19.48 2.47
C ASN B 204 5.64 -19.11 3.06
N ILE B 205 6.73 -19.48 2.36
CA ILE B 205 8.08 -19.09 2.81
C ILE B 205 8.22 -17.58 2.84
N ALA B 206 7.78 -16.93 1.77
CA ALA B 206 7.84 -15.48 1.71
C ALA B 206 7.00 -14.84 2.82
N SER B 207 5.81 -15.41 3.07
CA SER B 207 4.88 -14.87 4.05
C SER B 207 5.45 -14.90 5.46
N TYR B 208 5.95 -16.06 5.90
CA TYR B 208 6.42 -16.13 7.28
C TYR B 208 7.75 -15.40 7.44
N SER B 209 8.56 -15.34 6.39
CA SER B 209 9.78 -14.54 6.44
C SER B 209 9.45 -13.08 6.58
N LEU B 210 8.46 -12.61 5.82
CA LEU B 210 7.97 -11.25 5.99
C LEU B 210 7.48 -11.04 7.43
N LEU B 211 6.66 -11.96 7.94
CA LEU B 211 6.16 -11.80 9.29
C LEU B 211 7.30 -11.65 10.29
N THR B 212 8.36 -12.47 10.14
CA THR B 212 9.49 -12.41 11.06
C THR B 212 10.19 -11.05 10.98
N HIS B 213 10.38 -10.52 9.76
CA HIS B 213 10.95 -9.19 9.62
C HIS B 213 10.07 -8.15 10.32
N LEU B 214 8.74 -8.22 10.11
CA LEU B 214 7.84 -7.22 10.70
C LEU B 214 7.84 -7.31 12.21
N MET B 215 7.79 -8.52 12.77
CA MET B 215 7.83 -8.66 14.22
C MET B 215 9.13 -8.16 14.81
N ALA B 216 10.26 -8.47 14.17
CA ALA B 216 11.54 -8.01 14.69
C ALA B 216 11.56 -6.50 14.79
N SER B 217 11.04 -5.81 13.78
CA SER B 217 11.08 -4.35 13.78
C SER B 217 10.19 -3.75 14.88
N MET B 218 9.20 -4.48 15.37
CA MET B 218 8.29 -4.04 16.43
CA MET B 218 8.40 -3.90 16.42
C MET B 218 8.96 -4.10 17.81
N VAL B 219 9.94 -4.99 17.99
CA VAL B 219 10.43 -5.33 19.32
C VAL B 219 11.91 -5.03 19.49
N GLY B 220 12.54 -4.33 18.55
CA GLY B 220 13.92 -3.96 18.71
C GLY B 220 14.93 -5.05 18.46
N LEU B 221 14.58 -6.06 17.66
CA LEU B 221 15.50 -7.12 17.31
C LEU B 221 15.80 -7.07 15.83
N LYS B 222 16.78 -7.81 15.42
CA LYS B 222 17.08 -7.99 14.02
C LYS B 222 16.61 -9.37 13.59
N PRO B 223 16.18 -9.55 12.35
CA PRO B 223 15.78 -10.90 11.92
C PRO B 223 16.97 -11.84 11.83
N GLY B 224 16.74 -13.08 12.24
CA GLY B 224 17.76 -14.11 12.24
C GLY B 224 17.55 -15.13 11.13
N GLU B 225 16.76 -16.16 11.39
CA GLU B 225 16.53 -17.23 10.45
C GLU B 225 15.04 -17.56 10.41
N PHE B 226 14.56 -17.98 9.24
CA PHE B 226 13.25 -18.61 9.08
C PHE B 226 13.48 -20.07 8.71
N ILE B 227 12.85 -20.97 9.47
CA ILE B 227 12.95 -22.42 9.29
C ILE B 227 11.56 -22.96 8.94
N LEU B 228 11.46 -23.65 7.81
CA LEU B 228 10.23 -24.32 7.40
C LEU B 228 10.40 -25.81 7.58
N THR B 229 9.58 -26.40 8.44
CA THR B 229 9.56 -27.85 8.64
C THR B 229 8.24 -28.38 8.12
N LEU B 230 8.31 -29.25 7.12
CA LEU B 230 7.14 -29.80 6.48
C LEU B 230 6.80 -31.19 7.02
N GLY B 231 5.51 -31.46 7.04
CA GLY B 231 4.96 -32.78 7.19
C GLY B 231 4.93 -33.45 5.83
N ASP B 232 3.77 -33.54 5.19
CA ASP B 232 3.63 -34.09 3.83
C ASP B 232 4.02 -33.00 2.85
N ALA B 233 5.22 -33.10 2.32
CA ALA B 233 5.73 -32.22 1.30
C ALA B 233 5.50 -32.92 -0.03
N HIS B 234 4.72 -32.31 -0.90
CA HIS B 234 4.28 -33.01 -2.10
C HIS B 234 4.31 -32.11 -3.34
N ILE B 235 4.56 -32.76 -4.48
CA ILE B 235 4.39 -32.16 -5.79
C ILE B 235 3.16 -32.77 -6.45
N TYR B 236 2.24 -31.92 -6.89
CA TYR B 236 1.08 -32.40 -7.66
C TYR B 236 1.53 -32.89 -9.02
N ASN B 237 0.90 -33.97 -9.49
CA ASN B 237 1.29 -34.55 -10.77
C ASN B 237 1.24 -33.52 -11.89
N THR B 238 0.29 -32.59 -11.83
CA THR B 238 0.12 -31.56 -12.85
C THR B 238 1.26 -30.55 -12.87
N HIS B 239 2.12 -30.51 -11.84
CA HIS B 239 3.21 -29.55 -11.77
C HIS B 239 4.56 -30.12 -12.14
N ILE B 240 4.66 -31.42 -12.40
CA ILE B 240 5.97 -32.05 -12.54
C ILE B 240 6.75 -31.41 -13.69
N GLU B 241 6.11 -31.24 -14.85
CA GLU B 241 6.87 -30.75 -15.99
C GLU B 241 7.35 -29.32 -15.79
N VAL B 242 6.49 -28.46 -15.23
CA VAL B 242 6.89 -27.07 -15.02
C VAL B 242 8.00 -26.98 -13.99
N LEU B 243 7.95 -27.81 -12.95
CA LEU B 243 9.00 -27.78 -11.94
C LEU B 243 10.33 -28.30 -12.49
N LYS B 244 10.29 -29.28 -13.39
CA LYS B 244 11.52 -29.69 -14.05
C LYS B 244 12.14 -28.53 -14.83
N LYS B 245 11.30 -27.71 -15.46
CA LYS B 245 11.76 -26.51 -16.17
C LYS B 245 12.39 -25.51 -15.19
N GLN B 246 11.76 -25.32 -14.03
CA GLN B 246 12.29 -24.38 -13.05
C GLN B 246 13.67 -24.80 -12.58
N LEU B 247 13.90 -26.11 -12.45
CA LEU B 247 15.16 -26.63 -11.93
C LEU B 247 16.34 -26.30 -12.83
N CYS B 248 16.10 -25.96 -14.09
CA CYS B 248 17.20 -25.60 -14.98
C CYS B 248 17.66 -24.16 -14.76
N ARG B 249 16.93 -23.39 -13.96
CA ARG B 249 17.25 -21.99 -13.74
C ARG B 249 18.23 -21.80 -12.59
N VAL B 250 19.15 -20.87 -12.80
CA VAL B 250 20.16 -20.57 -11.80
C VAL B 250 19.63 -19.49 -10.88
N PRO B 251 19.61 -19.69 -9.56
CA PRO B 251 19.12 -18.64 -8.67
C PRO B 251 19.95 -17.37 -8.79
N ARG B 252 19.28 -16.26 -8.61
CA ARG B 252 19.93 -14.97 -8.43
C ARG B 252 19.88 -14.63 -6.94
N PRO B 253 20.66 -13.65 -6.49
CA PRO B 253 20.62 -13.31 -5.07
C PRO B 253 19.20 -12.98 -4.64
N PHE B 254 18.83 -13.37 -3.43
CA PHE B 254 17.52 -13.04 -2.88
C PHE B 254 17.38 -11.53 -2.71
N PRO B 255 16.16 -11.02 -2.75
CA PRO B 255 15.93 -9.61 -2.46
C PRO B 255 16.09 -9.27 -0.99
N LYS B 256 15.97 -7.98 -0.68
CA LYS B 256 16.02 -7.48 0.67
C LYS B 256 14.70 -6.79 0.98
N LEU B 257 14.31 -6.80 2.24
CA LEU B 257 13.15 -6.06 2.71
C LEU B 257 13.62 -4.76 3.33
N ARG B 258 13.04 -3.64 2.94
CA ARG B 258 13.30 -2.34 3.55
C ARG B 258 12.08 -1.90 4.32
N ILE B 259 12.17 -1.90 5.64
CA ILE B 259 11.10 -1.42 6.52
C ILE B 259 11.36 0.05 6.79
N LEU B 260 10.38 0.89 6.41
CA LEU B 260 10.49 2.34 6.53
C LEU B 260 10.02 2.83 7.90
N MET B 261 9.08 2.12 8.52
CA MET B 261 8.61 2.46 9.85
C MET B 261 7.90 1.24 10.41
N ALA B 262 7.75 1.23 11.73
CA ALA B 262 6.95 0.22 12.41
C ALA B 262 5.84 0.88 13.20
N PRO B 263 4.60 0.41 13.11
CA PRO B 263 3.49 1.01 13.85
C PRO B 263 3.50 0.52 15.30
N GLU B 264 2.53 1.02 16.07
CA GLU B 264 2.43 0.69 17.49
C GLU B 264 1.86 -0.71 17.69
N LYS B 265 0.86 -1.09 16.91
CA LYS B 265 0.29 -2.42 16.95
C LYS B 265 0.53 -3.08 15.60
N ILE B 266 0.83 -4.38 15.63
CA ILE B 266 1.24 -5.06 14.40
C ILE B 266 0.13 -5.02 13.35
N GLU B 267 -1.13 -5.05 13.76
CA GLU B 267 -2.24 -5.01 12.82
C GLU B 267 -2.39 -3.68 12.12
N ASP B 268 -1.62 -2.67 12.50
CA ASP B 268 -1.66 -1.41 11.78
C ASP B 268 -0.62 -1.34 10.66
N PHE B 269 0.19 -2.38 10.45
CA PHE B 269 1.12 -2.33 9.32
C PHE B 269 0.33 -2.23 8.03
N THR B 270 0.81 -1.34 7.14
CA THR B 270 0.25 -1.19 5.81
C THR B 270 1.39 -1.35 4.81
N ILE B 271 0.99 -1.59 3.56
CA ILE B 271 1.97 -1.82 2.50
C ILE B 271 2.86 -0.61 2.27
N ASP B 272 2.46 0.59 2.68
CA ASP B 272 3.31 1.76 2.52
C ASP B 272 4.49 1.82 3.50
N MET B 273 4.59 0.90 4.46
CA MET B 273 5.59 0.95 5.50
C MET B 273 6.80 0.09 5.18
N PHE B 274 6.79 -0.61 4.06
CA PHE B 274 7.94 -1.43 3.70
C PHE B 274 7.88 -1.75 2.21
N TYR B 275 9.03 -2.11 1.65
CA TYR B 275 9.08 -2.53 0.27
C TYR B 275 10.17 -3.55 0.05
N LEU B 276 10.02 -4.24 -1.06
CA LEU B 276 10.94 -5.27 -1.48
C LEU B 276 11.95 -4.65 -2.42
N GLU B 277 13.22 -4.79 -2.09
CA GLU B 277 14.33 -4.18 -2.80
C GLU B 277 15.14 -5.25 -3.55
N GLY B 278 15.46 -4.98 -4.81
CA GLY B 278 16.37 -5.82 -5.55
C GLY B 278 15.82 -7.16 -5.96
N TYR B 279 14.50 -7.27 -6.13
CA TYR B 279 13.90 -8.53 -6.54
C TYR B 279 14.04 -8.72 -8.04
N GLN B 280 14.75 -9.76 -8.46
CA GLN B 280 15.06 -9.98 -9.87
C GLN B 280 14.72 -11.40 -10.28
N PRO B 281 13.44 -11.74 -10.33
CA PRO B 281 13.06 -13.09 -10.73
C PRO B 281 13.27 -13.32 -12.22
N HIS B 282 13.50 -14.57 -12.56
CA HIS B 282 13.56 -14.96 -13.96
C HIS B 282 12.27 -14.58 -14.67
N SER B 283 12.38 -14.15 -15.94
CA SER B 283 11.25 -13.48 -16.59
C SER B 283 10.15 -14.44 -17.02
N GLY B 284 10.48 -15.69 -17.35
CA GLY B 284 9.46 -16.61 -17.83
C GLY B 284 8.50 -17.08 -16.75
N ASN B 285 7.23 -16.67 -16.82
CA ASN B 285 6.26 -17.06 -15.80
C ASN B 285 6.00 -18.55 -15.86
N LEU B 286 5.87 -19.17 -14.69
CA LEU B 286 5.60 -20.60 -14.60
C LEU B 286 4.23 -20.76 -13.96
N GLN B 287 3.33 -21.48 -14.65
CA GLN B 287 1.97 -21.66 -14.18
C GLN B 287 1.82 -23.02 -13.50
N MET B 288 1.34 -22.99 -12.26
CA MET B 288 1.07 -24.20 -11.47
CA MET B 288 1.07 -24.18 -11.45
C MET B 288 -0.43 -24.17 -11.14
N LYS B 289 -1.21 -24.92 -11.92
CA LYS B 289 -2.67 -24.95 -11.72
C LYS B 289 -3.01 -25.46 -10.31
N MET B 290 -3.89 -24.73 -9.61
CA MET B 290 -4.27 -25.14 -8.26
C MET B 290 -5.17 -26.37 -8.33
N ALA B 291 -4.78 -27.41 -7.61
CA ALA B 291 -5.62 -28.60 -7.50
C ALA B 291 -6.83 -28.29 -6.64
N VAL B 292 -7.99 -28.75 -7.08
CA VAL B 292 -9.22 -28.56 -6.33
C VAL B 292 -10.07 -29.83 -6.37
N MET C 4 17.45 17.26 -15.33
CA MET C 4 16.32 18.22 -15.59
C MET C 4 14.91 17.61 -15.57
N GLU C 5 14.77 16.33 -15.88
CA GLU C 5 13.43 15.76 -16.02
C GLU C 5 12.96 15.11 -14.70
N GLY C 6 11.67 14.84 -14.65
CA GLY C 6 11.11 14.11 -13.53
C GLY C 6 11.23 14.88 -12.24
N GLU C 7 11.69 14.19 -11.20
CA GLU C 7 11.80 14.77 -9.88
C GLU C 7 12.76 15.94 -9.87
N HIS C 8 13.68 16.00 -10.81
CA HIS C 8 14.54 17.17 -10.86
C HIS C 8 13.76 18.46 -11.14
N GLN C 9 12.58 18.36 -11.78
CA GLN C 9 11.74 19.55 -11.93
C GLN C 9 11.47 20.19 -10.57
N TYR C 10 11.14 19.35 -9.59
CA TYR C 10 10.81 19.85 -8.27
C TYR C 10 12.05 20.32 -7.53
N LEU C 11 13.12 19.53 -7.56
CA LEU C 11 14.33 19.93 -6.84
C LEU C 11 14.89 21.23 -7.39
N ASN C 12 14.85 21.41 -8.71
CA ASN C 12 15.32 22.67 -9.29
C ASN C 12 14.42 23.83 -8.93
N LEU C 13 13.11 23.58 -8.79
CA LEU C 13 12.23 24.64 -8.33
C LEU C 13 12.59 25.07 -6.91
N VAL C 14 12.85 24.12 -6.03
CA VAL C 14 13.27 24.47 -4.67
C VAL C 14 14.52 25.33 -4.72
N ARG C 15 15.52 24.91 -5.49
CA ARG C 15 16.76 25.67 -5.60
C ARG C 15 16.51 27.07 -6.13
N GLU C 16 15.65 27.19 -7.14
CA GLU C 16 15.37 28.49 -7.72
C GLU C 16 14.75 29.43 -6.70
N ILE C 17 13.80 28.95 -5.90
CA ILE C 17 13.17 29.81 -4.91
C ILE C 17 14.17 30.20 -3.83
N LEU C 18 14.96 29.24 -3.34
CA LEU C 18 15.94 29.59 -2.32
C LEU C 18 16.91 30.65 -2.84
N GLU C 19 17.31 30.54 -4.11
CA GLU C 19 18.31 31.46 -4.67
C GLU C 19 17.71 32.80 -5.06
N ARG C 20 16.56 32.81 -5.71
CA ARG C 20 16.06 34.07 -6.24
C ARG C 20 14.68 34.49 -5.73
N GLY C 21 14.04 33.72 -4.87
CA GLY C 21 12.76 34.13 -4.33
C GLY C 21 12.87 35.41 -3.53
N VAL C 22 11.82 36.24 -3.60
CA VAL C 22 11.76 37.49 -2.85
C VAL C 22 11.16 37.23 -1.48
N LYS C 23 11.60 38.00 -0.49
CA LYS C 23 11.02 37.91 0.84
C LYS C 23 9.63 38.55 0.85
N LYS C 24 8.67 37.79 1.35
CA LYS C 24 7.28 38.23 1.42
C LYS C 24 6.71 37.86 2.77
N ASP C 25 6.11 38.83 3.45
CA ASP C 25 5.31 38.50 4.61
C ASP C 25 3.91 38.12 4.11
N ASP C 26 3.39 37.00 4.59
CA ASP C 26 2.16 36.41 4.08
C ASP C 26 1.07 36.41 5.15
N ARG C 27 -0.14 36.02 4.73
CA ARG C 27 -1.29 36.07 5.64
C ARG C 27 -1.05 35.30 6.94
N THR C 28 -0.35 34.15 6.87
CA THR C 28 -0.14 33.35 8.07
C THR C 28 0.81 34.02 9.07
N GLY C 29 1.57 35.01 8.63
CA GLY C 29 2.57 35.64 9.47
C GLY C 29 3.89 34.89 9.58
N THR C 30 4.02 33.75 8.89
CA THR C 30 5.25 32.96 8.97
C THR C 30 6.37 33.56 8.12
N GLY C 31 6.04 34.09 6.94
CA GLY C 31 7.04 34.61 6.03
C GLY C 31 7.51 33.59 5.00
N THR C 32 7.77 34.04 3.77
CA THR C 32 8.12 33.14 2.68
C THR C 32 9.19 33.75 1.81
N LEU C 33 9.78 32.90 0.98
CA LEU C 33 10.48 33.28 -0.23
C LEU C 33 9.62 32.87 -1.42
N SER C 34 9.51 33.74 -2.42
CA SER C 34 8.46 33.57 -3.43
C SER C 34 8.96 33.91 -4.84
N ILE C 35 8.50 33.13 -5.83
CA ILE C 35 8.58 33.47 -7.25
C ILE C 35 7.20 33.30 -7.87
N PHE C 36 7.03 33.83 -9.08
CA PHE C 36 5.74 33.85 -9.74
C PHE C 36 5.83 33.18 -11.10
N GLY C 37 4.89 32.26 -11.37
CA GLY C 37 4.75 31.67 -12.66
C GLY C 37 5.58 30.45 -13.06
N PRO C 38 6.22 29.71 -12.15
CA PRO C 38 7.00 28.56 -12.61
C PRO C 38 6.12 27.39 -13.01
N GLN C 39 6.61 26.61 -13.98
CA GLN C 39 5.91 25.44 -14.48
C GLN C 39 6.78 24.21 -14.30
N MET C 40 6.15 23.09 -13.98
CA MET C 40 6.80 21.80 -13.98
C MET C 40 5.97 20.84 -14.82
N ARG C 41 6.64 19.88 -15.46
CA ARG C 41 5.99 18.91 -16.32
C ARG C 41 6.48 17.52 -15.95
N PHE C 42 5.55 16.57 -15.89
CA PHE C 42 5.85 15.19 -15.50
C PHE C 42 5.22 14.22 -16.47
N SER C 43 6.01 13.29 -16.99
CA SER C 43 5.45 12.25 -17.82
C SER C 43 4.70 11.22 -16.99
N LEU C 44 3.54 10.81 -17.50
CA LEU C 44 2.73 9.73 -16.94
C LEU C 44 2.79 8.50 -17.82
N ARG C 45 3.68 8.48 -18.80
CA ARG C 45 3.77 7.35 -19.71
C ARG C 45 4.41 6.16 -19.02
N ASP C 46 4.17 4.97 -19.57
CA ASP C 46 4.73 3.74 -19.02
C ASP C 46 4.30 3.55 -17.57
N ASP C 47 3.08 3.98 -17.25
CA ASP C 47 2.42 3.86 -15.96
C ASP C 47 3.07 4.73 -14.88
N THR C 48 4.00 5.60 -15.24
CA THR C 48 4.71 6.39 -14.24
C THR C 48 3.77 7.35 -13.52
N ILE C 49 4.01 7.54 -12.23
CA ILE C 49 3.30 8.55 -11.44
C ILE C 49 4.34 9.28 -10.59
N PRO C 50 4.38 10.64 -10.63
CA PRO C 50 5.47 11.40 -9.99
C PRO C 50 5.24 11.64 -8.50
N VAL C 51 5.41 10.57 -7.71
CA VAL C 51 5.44 10.63 -6.26
C VAL C 51 6.90 10.77 -5.83
N LEU C 52 7.22 11.89 -5.18
CA LEU C 52 8.62 12.21 -4.89
C LEU C 52 9.28 11.07 -4.15
N THR C 53 10.52 10.78 -4.52
CA THR C 53 11.32 9.80 -3.80
C THR C 53 12.31 10.42 -2.82
N THR C 54 12.62 11.73 -2.94
CA THR C 54 13.54 12.36 -2.01
C THR C 54 12.90 12.69 -0.67
N LYS C 55 11.61 12.46 -0.55
CA LYS C 55 10.87 12.59 0.69
C LYS C 55 9.71 11.60 0.56
N LYS C 56 9.42 10.89 1.64
CA LYS C 56 8.28 9.98 1.64
C LYS C 56 6.99 10.81 1.60
N ILE C 57 6.20 10.61 0.56
CA ILE C 57 4.91 11.27 0.41
C ILE C 57 3.86 10.42 1.08
N PHE C 58 2.89 11.11 1.67
CA PHE C 58 1.78 10.49 2.39
C PHE C 58 0.77 9.97 1.34
N TRP C 59 1.18 8.91 0.64
CA TRP C 59 0.42 8.41 -0.49
C TRP C 59 -1.01 8.00 -0.11
N ARG C 60 -1.21 7.32 1.03
CA ARG C 60 -2.57 6.95 1.42
C ARG C 60 -3.42 8.21 1.62
N GLY C 61 -2.82 9.27 2.15
CA GLY C 61 -3.52 10.53 2.26
C GLY C 61 -3.86 11.13 0.91
N VAL C 62 -2.91 11.07 -0.04
CA VAL C 62 -3.18 11.54 -1.39
C VAL C 62 -4.42 10.83 -1.96
N VAL C 63 -4.43 9.51 -1.85
CA VAL C 63 -5.53 8.73 -2.41
C VAL C 63 -6.85 9.11 -1.74
N GLU C 64 -6.88 9.08 -0.43
CA GLU C 64 -8.16 9.29 0.25
C GLU C 64 -8.63 10.73 0.10
N GLU C 65 -7.72 11.70 0.09
CA GLU C 65 -8.15 13.08 -0.18
C GLU C 65 -8.75 13.19 -1.57
N LEU C 66 -8.12 12.54 -2.56
CA LEU C 66 -8.61 12.64 -3.94
C LEU C 66 -9.98 11.99 -4.07
N LEU C 67 -10.17 10.79 -3.50
CA LEU C 67 -11.46 10.13 -3.62
C LEU C 67 -12.55 10.93 -2.93
N TRP C 68 -12.22 11.55 -1.80
CA TRP C 68 -13.11 12.48 -1.11
C TRP C 68 -13.48 13.66 -2.02
N PHE C 69 -12.50 14.29 -2.68
CA PHE C 69 -12.79 15.32 -3.67
C PHE C 69 -13.72 14.80 -4.76
N ILE C 70 -13.37 13.65 -5.36
CA ILE C 70 -14.13 13.12 -6.49
C ILE C 70 -15.59 12.86 -6.11
N ARG C 71 -15.84 12.46 -4.86
CA ARG C 71 -17.22 12.26 -4.40
C ARG C 71 -17.93 13.58 -4.12
N GLY C 72 -17.23 14.71 -4.18
CA GLY C 72 -17.79 15.99 -3.82
C GLY C 72 -17.88 16.26 -2.33
N ASN C 73 -17.17 15.48 -1.50
CA ASN C 73 -17.29 15.57 -0.06
C ASN C 73 -16.40 16.67 0.52
N THR C 74 -16.82 17.20 1.66
CA THR C 74 -16.19 18.37 2.24
C THR C 74 -16.05 18.29 3.76
N ASP C 75 -16.27 17.12 4.35
CA ASP C 75 -16.21 16.95 5.80
C ASP C 75 -14.82 16.42 6.15
N ALA C 76 -14.00 17.28 6.76
CA ALA C 76 -12.69 16.83 7.21
C ALA C 76 -12.78 15.70 8.24
N LYS C 77 -13.90 15.61 8.98
CA LYS C 77 -14.01 14.55 9.98
C LYS C 77 -14.00 13.18 9.34
N GLU C 78 -14.45 13.07 8.09
CA GLU C 78 -14.40 11.78 7.40
C GLU C 78 -12.97 11.39 7.08
N LEU C 79 -12.14 12.36 6.71
CA LEU C 79 -10.72 12.06 6.55
C LEU C 79 -10.10 11.70 7.88
N ALA C 80 -10.46 12.42 8.94
CA ALA C 80 -9.87 12.13 10.25
C ALA C 80 -10.24 10.72 10.71
N LYS C 81 -11.45 10.26 10.40
CA LYS C 81 -11.82 8.88 10.75
C LYS C 81 -10.89 7.87 10.09
N LYS C 82 -10.31 8.22 8.95
CA LYS C 82 -9.33 7.39 8.27
C LYS C 82 -7.91 7.73 8.67
N LYS C 83 -7.75 8.50 9.74
CA LYS C 83 -6.44 8.86 10.27
C LYS C 83 -5.66 9.70 9.27
N ILE C 84 -6.38 10.53 8.54
CA ILE C 84 -5.82 11.50 7.62
C ILE C 84 -6.23 12.86 8.12
N HIS C 85 -5.26 13.61 8.65
CA HIS C 85 -5.55 14.77 9.48
C HIS C 85 -5.21 16.08 8.79
N ILE C 86 -4.94 16.05 7.49
CA ILE C 86 -4.37 17.18 6.76
C ILE C 86 -5.29 18.40 6.73
N TRP C 87 -6.60 18.21 6.84
CA TRP C 87 -7.56 19.31 6.81
C TRP C 87 -8.16 19.64 8.17
N ASN C 88 -7.71 18.99 9.24
CA ASN C 88 -8.35 19.23 10.54
C ASN C 88 -8.17 20.67 10.99
N ALA C 89 -6.97 21.23 10.77
CA ALA C 89 -6.66 22.56 11.28
C ALA C 89 -7.54 23.62 10.64
N ASN C 90 -7.78 23.51 9.33
CA ASN C 90 -8.62 24.48 8.64
C ASN C 90 -10.10 24.25 8.88
N GLY C 91 -10.50 23.11 9.45
CA GLY C 91 -11.86 22.85 9.84
C GLY C 91 -12.15 23.03 11.32
N SER C 92 -11.18 23.52 12.09
CA SER C 92 -11.37 23.62 13.54
C SER C 92 -12.32 24.75 13.89
N ARG C 93 -13.03 24.58 15.00
CA ARG C 93 -13.94 25.63 15.49
C ARG C 93 -13.26 27.00 15.47
N GLU C 94 -11.99 27.05 15.92
CA GLU C 94 -11.26 28.30 15.95
C GLU C 94 -11.08 28.85 14.54
N PHE C 95 -10.59 28.02 13.62
CA PHE C 95 -10.33 28.51 12.27
C PHE C 95 -11.62 28.85 11.55
N LEU C 96 -12.65 28.00 11.69
CA LEU C 96 -13.94 28.33 11.08
C LEU C 96 -14.49 29.65 11.59
N ASP C 97 -14.43 29.88 12.91
CA ASP C 97 -14.93 31.14 13.45
C ASP C 97 -14.13 32.32 12.91
N SER C 98 -12.81 32.14 12.72
CA SER C 98 -12.00 33.23 12.17
C SER C 98 -12.40 33.59 10.76
N ARG C 99 -13.01 32.67 10.02
CA ARG C 99 -13.50 32.95 8.67
C ARG C 99 -14.96 33.43 8.65
N GLY C 100 -15.57 33.65 9.82
CA GLY C 100 -16.94 34.07 9.91
C GLY C 100 -17.96 32.96 9.79
N LEU C 101 -17.52 31.72 9.91
CA LEU C 101 -18.37 30.55 9.67
C LEU C 101 -18.85 29.95 11.00
N TYR C 102 -19.58 30.77 11.77
CA TYR C 102 -19.86 30.43 13.16
C TYR C 102 -20.82 29.26 13.30
N ASP C 103 -21.72 29.07 12.35
CA ASP C 103 -22.72 28.03 12.43
C ASP C 103 -22.23 26.69 11.89
N ARG C 104 -21.02 26.64 11.36
CA ARG C 104 -20.48 25.42 10.77
C ARG C 104 -20.07 24.47 11.87
N ALA C 105 -20.49 23.22 11.75
CA ALA C 105 -19.95 22.21 12.63
C ALA C 105 -18.45 22.09 12.35
N GLU C 106 -17.68 21.79 13.40
CA GLU C 106 -16.26 21.55 13.21
C GLU C 106 -16.07 20.51 12.11
N GLY C 107 -15.08 20.76 11.25
CA GLY C 107 -14.77 19.88 10.16
C GLY C 107 -15.49 20.21 8.87
N ASP C 108 -16.52 21.03 8.93
CA ASP C 108 -17.28 21.34 7.73
C ASP C 108 -16.58 22.48 6.98
N LEU C 109 -15.80 22.11 5.96
CA LEU C 109 -14.96 23.08 5.28
C LEU C 109 -15.72 23.99 4.33
N GLY C 110 -16.99 23.68 4.06
CA GLY C 110 -17.75 24.46 3.10
C GLY C 110 -17.64 23.90 1.69
N PRO C 111 -18.08 24.69 0.68
CA PRO C 111 -18.14 24.20 -0.72
C PRO C 111 -16.79 24.27 -1.42
N VAL C 112 -15.86 23.50 -0.89
CA VAL C 112 -14.46 23.51 -1.33
C VAL C 112 -14.22 22.43 -2.37
N TYR C 113 -13.16 22.64 -3.15
CA TYR C 113 -12.61 21.68 -4.12
C TYR C 113 -13.66 20.81 -4.81
N GLY C 114 -13.77 19.55 -4.40
CA GLY C 114 -14.61 18.61 -5.13
C GLY C 114 -16.08 18.97 -5.14
N PHE C 115 -16.55 19.72 -4.14
CA PHE C 115 -17.93 20.21 -4.22
C PHE C 115 -18.14 21.04 -5.48
N GLN C 116 -17.18 21.91 -5.81
CA GLN C 116 -17.27 22.68 -7.04
C GLN C 116 -17.08 21.81 -8.27
N TRP C 117 -16.20 20.81 -8.20
CA TRP C 117 -15.98 19.95 -9.35
C TRP C 117 -17.26 19.22 -9.76
N ARG C 118 -18.06 18.78 -8.78
CA ARG C 118 -19.23 17.94 -9.03
C ARG C 118 -20.56 18.69 -8.95
N HIS C 119 -20.59 19.86 -8.33
CA HIS C 119 -21.85 20.54 -8.02
C HIS C 119 -21.74 22.06 -8.17
N PHE C 120 -20.96 22.54 -9.15
CA PHE C 120 -20.71 23.97 -9.25
C PHE C 120 -22.03 24.72 -9.35
N GLY C 121 -22.21 25.73 -8.50
CA GLY C 121 -23.40 26.56 -8.50
C GLY C 121 -24.50 26.08 -7.57
N ALA C 122 -24.41 24.86 -7.04
CA ALA C 122 -25.39 24.39 -6.07
C ALA C 122 -25.27 25.18 -4.78
N GLU C 123 -26.40 25.33 -4.10
CA GLU C 123 -26.42 26.02 -2.82
C GLU C 123 -25.93 25.08 -1.74
N TYR C 124 -24.96 25.54 -0.96
CA TYR C 124 -24.39 24.72 0.10
C TYR C 124 -25.23 24.84 1.36
N ASP C 125 -25.43 23.71 2.01
CA ASP C 125 -26.15 23.62 3.27
C ASP C 125 -25.12 23.21 4.32
N THR C 126 -24.86 21.91 4.48
CA THR C 126 -23.75 21.44 5.31
C THR C 126 -23.00 20.37 4.54
N CYS C 127 -21.90 19.90 5.13
CA CYS C 127 -21.10 18.88 4.47
C CYS C 127 -21.82 17.55 4.34
N SER C 128 -22.86 17.30 5.14
CA SER C 128 -23.58 16.03 5.12
C SER C 128 -24.85 16.05 4.27
N SER C 129 -25.19 17.19 3.68
CA SER C 129 -26.42 17.34 2.90
C SER C 129 -26.36 16.53 1.61
N ASP C 130 -27.53 16.33 1.01
CA ASP C 130 -27.63 15.59 -0.24
C ASP C 130 -27.47 16.56 -1.41
N TYR C 131 -26.39 16.39 -2.16
CA TYR C 131 -26.13 17.18 -3.34
C TYR C 131 -26.27 16.38 -4.63
N THR C 132 -26.82 15.17 -4.57
CA THR C 132 -26.95 14.35 -5.78
C THR C 132 -27.73 15.09 -6.84
N GLY C 133 -27.15 15.18 -8.03
CA GLY C 133 -27.83 15.80 -9.15
C GLY C 133 -27.93 17.30 -9.10
N LYS C 134 -27.34 17.94 -8.11
CA LYS C 134 -27.44 19.39 -7.93
C LYS C 134 -26.18 20.05 -8.47
N GLY C 135 -26.35 21.18 -9.11
CA GLY C 135 -25.23 21.92 -9.66
C GLY C 135 -24.67 21.30 -10.92
N ILE C 136 -23.57 21.87 -11.39
CA ILE C 136 -22.95 21.45 -12.64
C ILE C 136 -21.83 20.48 -12.33
N ASP C 137 -21.94 19.27 -12.88
CA ASP C 137 -20.96 18.21 -12.65
C ASP C 137 -19.90 18.34 -13.73
N GLN C 138 -18.93 19.20 -13.46
CA GLN C 138 -17.86 19.45 -14.42
C GLN C 138 -17.08 18.19 -14.73
N LEU C 139 -16.79 17.38 -13.71
CA LEU C 139 -16.00 16.18 -13.93
C LEU C 139 -16.73 15.18 -14.81
N ALA C 140 -18.02 14.94 -14.52
CA ALA C 140 -18.78 14.03 -15.37
C ALA C 140 -18.84 14.54 -16.80
N ASN C 141 -19.00 15.85 -16.97
CA ASN C 141 -19.07 16.38 -18.32
C ASN C 141 -17.75 16.21 -19.07
N ILE C 142 -16.63 16.37 -18.37
CA ILE C 142 -15.34 16.15 -19.01
C ILE C 142 -15.20 14.69 -19.46
N LEU C 143 -15.59 13.75 -18.59
CA LEU C 143 -15.47 12.34 -18.94
C LEU C 143 -16.29 12.00 -20.18
N LYS C 144 -17.49 12.56 -20.28
CA LYS C 144 -18.31 12.39 -21.48
C LYS C 144 -17.63 13.00 -22.70
N THR C 145 -17.09 14.22 -22.56
CA THR C 145 -16.44 14.87 -23.69
C THR C 145 -15.22 14.08 -24.15
N LEU C 146 -14.47 13.52 -23.21
CA LEU C 146 -13.29 12.74 -23.57
C LEU C 146 -13.64 11.56 -24.45
N ARG C 147 -14.83 10.97 -24.25
CA ARG C 147 -15.24 9.84 -25.07
C ARG C 147 -15.78 10.31 -26.42
N GLU C 148 -16.57 11.39 -26.43
CA GLU C 148 -17.35 11.80 -27.60
C GLU C 148 -16.65 12.83 -28.47
N ASN C 149 -15.83 13.71 -27.88
CA ASN C 149 -15.19 14.80 -28.62
C ASN C 149 -13.85 15.12 -27.96
N PRO C 150 -12.89 14.19 -28.02
CA PRO C 150 -11.63 14.38 -27.28
C PRO C 150 -10.80 15.57 -27.73
N ASP C 151 -11.04 16.14 -28.93
CA ASP C 151 -10.31 17.33 -29.36
C ASP C 151 -10.84 18.62 -28.76
N ASP C 152 -11.94 18.56 -28.01
CA ASP C 152 -12.53 19.75 -27.41
C ASP C 152 -11.48 20.52 -26.60
N ARG C 153 -11.49 21.84 -26.75
CA ARG C 153 -10.55 22.74 -26.10
C ARG C 153 -11.14 23.43 -24.86
N ARG C 154 -12.27 22.91 -24.35
CA ARG C 154 -13.01 23.50 -23.25
C ARG C 154 -13.16 22.55 -22.07
N MET C 155 -12.29 21.54 -21.94
CA MET C 155 -12.44 20.54 -20.88
C MET C 155 -11.79 21.09 -19.61
N ILE C 156 -12.53 21.97 -18.94
CA ILE C 156 -12.09 22.72 -17.79
C ILE C 156 -12.85 22.23 -16.56
N MET C 157 -12.12 22.05 -15.46
CA MET C 157 -12.70 21.74 -14.16
C MET C 157 -12.14 22.79 -13.19
N THR C 158 -13.01 23.65 -12.67
CA THR C 158 -12.59 24.71 -11.77
C THR C 158 -13.24 24.60 -10.40
N ALA C 159 -12.48 24.94 -9.37
CA ALA C 159 -13.00 25.17 -8.04
C ALA C 159 -13.06 26.64 -7.70
N TRP C 160 -12.63 27.51 -8.61
CA TRP C 160 -12.62 28.95 -8.33
C TRP C 160 -14.00 29.51 -8.64
N ASN C 161 -14.84 29.54 -7.60
CA ASN C 161 -16.20 30.09 -7.69
C ASN C 161 -16.25 31.36 -6.83
N PRO C 162 -16.12 32.53 -7.45
CA PRO C 162 -16.16 33.80 -6.68
C PRO C 162 -17.33 33.95 -5.73
N MET C 163 -18.49 33.39 -6.06
CA MET C 163 -19.65 33.57 -5.20
C MET C 163 -19.52 32.78 -3.91
N ASP C 164 -18.75 31.69 -3.94
CA ASP C 164 -18.68 30.77 -2.82
C ASP C 164 -17.41 30.91 -1.99
N LEU C 165 -16.45 31.74 -2.41
CA LEU C 165 -15.19 31.79 -1.69
C LEU C 165 -15.40 32.09 -0.21
N HIS C 166 -16.33 33.00 0.11
CA HIS C 166 -16.51 33.40 1.50
C HIS C 166 -17.03 32.26 2.36
N LEU C 167 -17.60 31.22 1.76
CA LEU C 167 -18.12 30.07 2.48
C LEU C 167 -17.07 29.00 2.69
N MET C 168 -15.91 29.14 2.07
CA MET C 168 -14.88 28.12 2.12
C MET C 168 -13.92 28.39 3.28
N ALA C 169 -13.46 27.31 3.91
CA ALA C 169 -12.48 27.47 4.96
C ALA C 169 -11.22 28.16 4.45
N LEU C 170 -10.80 27.83 3.23
CA LEU C 170 -9.67 28.42 2.53
C LEU C 170 -10.08 28.48 1.05
N PRO C 171 -9.68 29.52 0.32
CA PRO C 171 -9.91 29.49 -1.13
C PRO C 171 -9.07 28.39 -1.75
N PRO C 172 -9.51 27.79 -2.86
CA PRO C 172 -8.73 26.67 -3.42
C PRO C 172 -7.34 27.11 -3.84
N CYS C 173 -6.36 26.26 -3.52
CA CYS C 173 -4.99 26.49 -3.94
C CYS C 173 -4.80 25.98 -5.36
N HIS C 174 -5.01 24.68 -5.55
CA HIS C 174 -5.15 24.10 -6.87
C HIS C 174 -6.55 24.47 -7.38
N MET C 175 -6.62 25.36 -8.37
CA MET C 175 -7.91 25.99 -8.60
C MET C 175 -8.57 25.65 -9.93
N THR C 176 -7.84 25.37 -10.99
CA THR C 176 -8.45 25.09 -12.27
C THR C 176 -7.57 24.14 -13.06
N ALA C 177 -8.18 23.09 -13.60
CA ALA C 177 -7.47 22.12 -14.41
C ALA C 177 -8.09 22.03 -15.79
N GLN C 178 -7.25 21.77 -16.78
CA GLN C 178 -7.68 21.53 -18.14
C GLN C 178 -7.16 20.19 -18.62
N PHE C 179 -7.97 19.48 -19.36
CA PHE C 179 -7.60 18.20 -19.95
C PHE C 179 -7.47 18.32 -21.46
N TYR C 180 -6.68 17.44 -22.03
CA TYR C 180 -6.27 17.52 -23.43
C TYR C 180 -5.94 16.12 -23.90
N VAL C 181 -6.24 15.83 -25.17
CA VAL C 181 -5.97 14.51 -25.73
C VAL C 181 -5.15 14.65 -27.01
N ALA C 182 -4.11 13.83 -27.14
CA ALA C 182 -3.37 13.70 -28.39
C ALA C 182 -2.77 12.31 -28.46
N ASN C 183 -2.91 11.67 -29.63
CA ASN C 183 -2.31 10.35 -29.86
C ASN C 183 -2.72 9.34 -28.79
N GLY C 184 -4.00 9.35 -28.45
CA GLY C 184 -4.56 8.43 -27.49
C GLY C 184 -4.12 8.64 -26.06
N GLU C 185 -3.51 9.79 -25.77
CA GLU C 185 -2.99 10.10 -24.44
C GLU C 185 -3.74 11.28 -23.83
N LEU C 186 -4.09 11.14 -22.56
CA LEU C 186 -4.76 12.19 -21.80
C LEU C 186 -3.74 12.95 -20.98
N SER C 187 -3.68 14.26 -21.16
CA SER C 187 -2.85 15.14 -20.35
C SER C 187 -3.74 16.06 -19.54
N CYS C 188 -3.16 16.59 -18.48
CA CYS C 188 -3.82 17.47 -17.56
C CYS C 188 -2.85 18.59 -17.22
N GLN C 189 -3.34 19.82 -17.28
CA GLN C 189 -2.61 20.98 -16.77
C GLN C 189 -3.40 21.59 -15.63
N LEU C 190 -2.74 21.78 -14.49
CA LEU C 190 -3.33 22.41 -13.33
C LEU C 190 -2.77 23.80 -13.19
N TYR C 191 -3.66 24.78 -13.07
CA TYR C 191 -3.28 26.11 -12.61
C TYR C 191 -3.48 26.20 -11.10
N GLN C 192 -2.38 26.43 -10.37
CA GLN C 192 -2.40 26.48 -8.92
C GLN C 192 -1.96 27.88 -8.52
N ARG C 193 -2.88 28.67 -7.97
CA ARG C 193 -2.60 30.07 -7.68
C ARG C 193 -1.56 30.25 -6.58
N SER C 194 -1.36 29.24 -5.74
CA SER C 194 -0.56 29.40 -4.54
C SER C 194 -0.06 28.01 -4.19
N GLY C 195 1.25 27.86 -4.12
CA GLY C 195 1.83 26.55 -3.84
C GLY C 195 2.87 26.63 -2.75
N ASP C 196 2.58 25.95 -1.64
CA ASP C 196 3.51 25.74 -0.53
C ASP C 196 4.46 24.64 -1.00
N VAL C 197 5.64 25.06 -1.45
CA VAL C 197 6.51 24.15 -2.19
C VAL C 197 7.02 23.03 -1.31
N GLY C 198 7.24 23.29 -0.01
CA GLY C 198 7.70 22.26 0.88
C GLY C 198 6.65 21.25 1.27
N LEU C 199 5.40 21.65 1.40
CA LEU C 199 4.38 20.78 1.96
C LEU C 199 3.33 20.40 0.93
N GLY C 200 2.47 21.32 0.53
CA GLY C 200 1.36 20.96 -0.31
C GLY C 200 1.76 20.52 -1.71
N VAL C 201 2.72 21.20 -2.33
CA VAL C 201 2.98 20.99 -3.76
C VAL C 201 3.32 19.54 -4.09
N PRO C 202 4.21 18.85 -3.38
CA PRO C 202 4.49 17.44 -3.73
C PRO C 202 3.25 16.57 -3.67
N PHE C 203 2.39 16.85 -2.70
CA PHE C 203 1.14 16.12 -2.51
C PHE C 203 0.17 16.42 -3.64
N ASN C 204 0.05 17.70 -4.00
CA ASN C 204 -0.83 18.12 -5.10
C ASN C 204 -0.38 17.51 -6.43
N ILE C 205 0.94 17.42 -6.66
CA ILE C 205 1.45 16.79 -7.87
C ILE C 205 0.99 15.34 -7.94
N ALA C 206 1.17 14.59 -6.87
CA ALA C 206 0.76 13.19 -6.87
C ALA C 206 -0.74 13.07 -7.05
N SER C 207 -1.50 13.98 -6.45
CA SER C 207 -2.97 13.95 -6.50
C SER C 207 -3.50 14.11 -7.93
N TYR C 208 -3.07 15.16 -8.63
CA TYR C 208 -3.58 15.38 -9.97
C TYR C 208 -3.03 14.37 -10.96
N SER C 209 -1.82 13.86 -10.71
CA SER C 209 -1.30 12.78 -11.54
C SER C 209 -2.13 11.51 -11.36
N LEU C 210 -2.50 11.18 -10.12
CA LEU C 210 -3.43 10.07 -9.89
C LEU C 210 -4.75 10.30 -10.58
N LEU C 211 -5.31 11.51 -10.43
CA LEU C 211 -6.59 11.82 -11.07
C LEU C 211 -6.52 11.58 -12.57
N THR C 212 -5.42 12.01 -13.20
CA THR C 212 -5.27 11.83 -14.65
C THR C 212 -5.22 10.35 -15.00
N HIS C 213 -4.47 9.56 -14.23
CA HIS C 213 -4.46 8.12 -14.46
C HIS C 213 -5.88 7.53 -14.34
N LEU C 214 -6.62 7.90 -13.29
CA LEU C 214 -7.94 7.31 -13.07
C LEU C 214 -8.90 7.73 -14.18
N MET C 215 -8.87 9.01 -14.56
CA MET C 215 -9.74 9.48 -15.64
C MET C 215 -9.41 8.75 -16.94
N ALA C 216 -8.12 8.58 -17.26
CA ALA C 216 -7.75 7.87 -18.48
C ALA C 216 -8.36 6.48 -18.51
N SER C 217 -8.32 5.77 -17.38
CA SER C 217 -8.86 4.40 -17.30
C SER C 217 -10.37 4.37 -17.49
N MET C 218 -11.08 5.45 -17.18
CA MET C 218 -12.51 5.49 -17.39
CA MET C 218 -12.53 5.52 -17.37
C MET C 218 -12.92 5.72 -18.84
N VAL C 219 -12.03 6.23 -19.67
CA VAL C 219 -12.43 6.66 -21.01
C VAL C 219 -11.64 5.98 -22.12
N GLY C 220 -10.84 4.97 -21.80
CA GLY C 220 -10.15 4.23 -22.84
C GLY C 220 -8.93 4.93 -23.40
N LEU C 221 -8.31 5.81 -22.62
CA LEU C 221 -7.12 6.51 -23.03
C LEU C 221 -5.94 6.08 -22.16
N LYS C 222 -4.76 6.42 -22.58
CA LYS C 222 -3.58 6.21 -21.78
C LYS C 222 -3.13 7.56 -21.21
N PRO C 223 -2.50 7.58 -20.04
CA PRO C 223 -2.02 8.86 -19.49
C PRO C 223 -0.86 9.42 -20.30
N GLY C 224 -0.85 10.74 -20.46
CA GLY C 224 0.19 11.43 -21.18
C GLY C 224 1.13 12.17 -20.25
N GLU C 225 0.81 13.41 -19.95
CA GLU C 225 1.63 14.30 -19.14
C GLU C 225 0.75 15.00 -18.10
N PHE C 226 1.34 15.29 -16.94
CA PHE C 226 0.78 16.21 -15.97
C PHE C 226 1.65 17.46 -15.90
N ILE C 227 1.02 18.62 -16.05
CA ILE C 227 1.70 19.91 -16.04
C ILE C 227 1.17 20.73 -14.88
N LEU C 228 2.07 21.21 -14.01
CA LEU C 228 1.69 22.08 -12.91
C LEU C 228 2.21 23.47 -13.23
N THR C 229 1.28 24.42 -13.37
CA THR C 229 1.65 25.82 -13.54
C THR C 229 1.25 26.58 -12.28
N LEU C 230 2.23 27.20 -11.63
CA LEU C 230 2.01 27.91 -10.37
C LEU C 230 1.91 29.41 -10.57
N GLY C 231 1.12 30.04 -9.72
CA GLY C 231 1.16 31.47 -9.51
C GLY C 231 2.24 31.79 -8.50
N ASP C 232 1.87 32.07 -7.24
CA ASP C 232 2.84 32.33 -6.18
C ASP C 232 3.37 31.00 -5.69
N ALA C 233 4.57 30.66 -6.12
CA ALA C 233 5.28 29.46 -5.68
C ALA C 233 6.23 29.90 -4.58
N HIS C 234 6.04 29.39 -3.37
CA HIS C 234 6.75 29.91 -2.21
C HIS C 234 7.25 28.79 -1.28
N ILE C 235 8.37 29.08 -0.62
CA ILE C 235 8.90 28.26 0.46
C ILE C 235 8.73 29.04 1.76
N TYR C 236 8.06 28.43 2.74
CA TYR C 236 7.96 29.06 4.06
C TYR C 236 9.32 29.07 4.73
N ASN C 237 9.62 30.18 5.41
CA ASN C 237 10.93 30.33 6.03
C ASN C 237 11.23 29.18 6.98
N THR C 238 10.19 28.65 7.63
CA THR C 238 10.35 27.54 8.55
C THR C 238 10.73 26.22 7.89
N HIS C 239 10.63 26.11 6.56
CA HIS C 239 10.96 24.90 5.85
C HIS C 239 12.33 24.94 5.19
N ILE C 240 13.03 26.07 5.26
CA ILE C 240 14.24 26.24 4.45
C ILE C 240 15.28 25.19 4.83
N GLU C 241 15.52 25.02 6.12
CA GLU C 241 16.60 24.11 6.49
C GLU C 241 16.28 22.67 6.10
N VAL C 242 15.03 22.25 6.30
CA VAL C 242 14.68 20.87 5.94
C VAL C 242 14.76 20.68 4.43
N LEU C 243 14.37 21.69 3.64
CA LEU C 243 14.46 21.54 2.19
C LEU C 243 15.90 21.50 1.71
N LYS C 244 16.81 22.24 2.37
CA LYS C 244 18.22 22.14 2.01
C LYS C 244 18.74 20.72 2.24
N LYS C 245 18.28 20.06 3.31
CA LYS C 245 18.64 18.67 3.52
C LYS C 245 18.08 17.78 2.41
N GLN C 246 16.85 18.03 1.97
CA GLN C 246 16.26 17.21 0.91
C GLN C 246 17.07 17.32 -0.38
N LEU C 247 17.62 18.50 -0.65
CA LEU C 247 18.35 18.74 -1.89
C LEU C 247 19.60 17.88 -1.98
N CYS C 248 20.07 17.38 -0.85
CA CYS C 248 21.24 16.51 -0.84
C CYS C 248 20.88 15.07 -1.20
N ARG C 249 19.61 14.72 -1.27
CA ARG C 249 19.21 13.34 -1.55
C ARG C 249 19.07 13.13 -3.06
N VAL C 250 19.52 11.99 -3.54
CA VAL C 250 19.49 11.70 -4.96
C VAL C 250 18.17 10.98 -5.27
N PRO C 251 17.39 11.46 -6.24
CA PRO C 251 16.13 10.77 -6.56
C PRO C 251 16.36 9.36 -7.06
N ARG C 252 15.39 8.50 -6.81
CA ARG C 252 15.26 7.19 -7.42
C ARG C 252 14.17 7.21 -8.47
N PRO C 253 14.10 6.22 -9.34
CA PRO C 253 13.04 6.21 -10.35
C PRO C 253 11.65 6.29 -9.72
N PHE C 254 10.77 7.05 -10.37
CA PHE C 254 9.42 7.21 -9.87
C PHE C 254 8.69 5.88 -9.89
N PRO C 255 7.71 5.70 -9.02
CA PRO C 255 6.89 4.50 -9.03
C PRO C 255 5.96 4.47 -10.21
N LYS C 256 5.24 3.34 -10.32
CA LYS C 256 4.23 3.17 -11.34
C LYS C 256 2.89 2.95 -10.67
N LEU C 257 1.83 3.43 -11.30
CA LEU C 257 0.49 3.16 -10.83
C LEU C 257 -0.08 1.98 -11.62
N ARG C 258 -0.60 1.00 -10.89
CA ARG C 258 -1.25 -0.16 -11.49
C ARG C 258 -2.74 -0.07 -11.17
N ILE C 259 -3.58 0.16 -12.18
CA ILE C 259 -5.03 0.19 -11.98
C ILE C 259 -5.55 -1.23 -12.19
N LEU C 260 -6.24 -1.76 -11.17
CA LEU C 260 -6.72 -3.13 -11.17
C LEU C 260 -8.11 -3.25 -11.77
N MET C 261 -8.93 -2.21 -11.63
CA MET C 261 -10.24 -2.17 -12.24
C MET C 261 -10.70 -0.73 -12.28
N ALA C 262 -11.64 -0.44 -13.17
CA ALA C 262 -12.27 0.86 -13.23
C ALA C 262 -13.76 0.69 -13.02
N PRO C 263 -14.38 1.42 -12.11
CA PRO C 263 -15.82 1.30 -11.89
C PRO C 263 -16.57 2.05 -13.01
N GLU C 264 -17.90 1.95 -12.97
CA GLU C 264 -18.67 2.60 -14.01
C GLU C 264 -18.74 4.10 -13.80
N LYS C 265 -18.73 4.55 -12.54
CA LYS C 265 -18.73 5.97 -12.22
C LYS C 265 -17.48 6.28 -11.43
N ILE C 266 -16.84 7.41 -11.75
CA ILE C 266 -15.52 7.70 -11.17
C ILE C 266 -15.60 7.81 -9.65
N GLU C 267 -16.71 8.31 -9.12
CA GLU C 267 -16.87 8.43 -7.68
C GLU C 267 -16.97 7.08 -6.97
N ASP C 268 -17.00 5.98 -7.71
CA ASP C 268 -17.02 4.65 -7.12
C ASP C 268 -15.63 4.05 -6.98
N PHE C 269 -14.59 4.76 -7.40
CA PHE C 269 -13.23 4.26 -7.18
C PHE C 269 -12.96 4.14 -5.68
N THR C 270 -12.29 3.06 -5.31
CA THR C 270 -11.81 2.86 -3.96
C THR C 270 -10.32 2.59 -4.00
N ILE C 271 -9.69 2.71 -2.83
CA ILE C 271 -8.26 2.47 -2.72
C ILE C 271 -7.87 1.05 -3.08
N ASP C 272 -8.82 0.11 -3.08
CA ASP C 272 -8.50 -1.27 -3.43
C ASP C 272 -8.33 -1.48 -4.92
N MET C 273 -8.70 -0.51 -5.75
CA MET C 273 -8.76 -0.71 -7.20
C MET C 273 -7.47 -0.33 -7.92
N PHE C 274 -6.45 0.10 -7.20
CA PHE C 274 -5.19 0.46 -7.82
C PHE C 274 -4.14 0.42 -6.74
N TYR C 275 -2.90 0.29 -7.15
CA TYR C 275 -1.84 0.32 -6.16
C TYR C 275 -0.60 0.90 -6.77
N LEU C 276 0.26 1.34 -5.88
CA LEU C 276 1.49 1.98 -6.24
C LEU C 276 2.59 0.93 -6.22
N GLU C 277 3.26 0.73 -7.36
CA GLU C 277 4.29 -0.30 -7.55
C GLU C 277 5.67 0.35 -7.56
N GLY C 278 6.59 -0.20 -6.78
CA GLY C 278 7.96 0.24 -6.85
C GLY C 278 8.25 1.58 -6.23
N TYR C 279 7.46 2.02 -5.26
CA TYR C 279 7.77 3.27 -4.56
C TYR C 279 8.86 3.02 -3.53
N GLN C 280 10.00 3.69 -3.69
CA GLN C 280 11.19 3.49 -2.86
C GLN C 280 11.68 4.84 -2.34
N PRO C 281 10.90 5.49 -1.48
CA PRO C 281 11.32 6.78 -0.93
C PRO C 281 12.47 6.68 0.06
N HIS C 282 13.24 7.77 0.14
CA HIS C 282 14.25 7.89 1.18
C HIS C 282 13.64 7.77 2.56
N SER C 283 14.37 7.08 3.46
CA SER C 283 13.78 6.64 4.72
C SER C 283 13.70 7.76 5.76
N GLY C 284 14.62 8.72 5.72
CA GLY C 284 14.62 9.77 6.73
C GLY C 284 13.45 10.71 6.58
N ASN C 285 12.52 10.68 7.53
CA ASN C 285 11.33 11.52 7.43
C ASN C 285 11.70 12.99 7.60
N LEU C 286 11.12 13.83 6.75
CA LEU C 286 11.36 15.27 6.73
C LEU C 286 10.08 15.99 7.14
N GLN C 287 10.14 16.73 8.24
CA GLN C 287 8.97 17.38 8.81
C GLN C 287 8.91 18.83 8.36
N MET C 288 7.80 19.20 7.73
CA MET C 288 7.51 20.58 7.32
CA MET C 288 7.52 20.57 7.32
C MET C 288 6.29 21.02 8.11
N LYS C 289 6.49 21.83 9.13
CA LYS C 289 5.37 22.32 9.93
C LYS C 289 4.43 23.17 9.08
N MET C 290 3.14 22.80 9.03
CA MET C 290 2.16 23.61 8.33
C MET C 290 2.03 24.97 9.02
N ALA C 291 2.14 26.03 8.23
CA ALA C 291 1.98 27.39 8.73
C ALA C 291 0.51 27.68 9.04
N MET D 4 16.00 33.84 -27.67
CA MET D 4 15.18 33.27 -26.58
C MET D 4 14.33 34.33 -25.85
N GLU D 5 14.78 35.58 -25.85
CA GLU D 5 14.13 36.60 -25.05
C GLU D 5 13.11 37.36 -25.90
N GLY D 6 12.15 37.99 -25.22
CA GLY D 6 11.25 38.91 -25.90
C GLY D 6 10.43 38.23 -26.97
N GLU D 7 10.42 38.84 -28.15
CA GLU D 7 9.64 38.33 -29.26
C GLU D 7 10.10 36.94 -29.68
N HIS D 8 11.33 36.56 -29.37
CA HIS D 8 11.74 35.19 -29.69
C HIS D 8 10.93 34.16 -28.92
N GLN D 9 10.35 34.52 -27.76
CA GLN D 9 9.43 33.60 -27.07
C GLN D 9 8.33 33.14 -28.02
N TYR D 10 7.75 34.09 -28.76
CA TYR D 10 6.65 33.78 -29.67
C TYR D 10 7.16 33.05 -30.91
N LEU D 11 8.23 33.54 -31.52
CA LEU D 11 8.73 32.88 -32.72
C LEU D 11 9.16 31.45 -32.42
N ASN D 12 9.75 31.22 -31.25
CA ASN D 12 10.13 29.86 -30.88
C ASN D 12 8.90 28.97 -30.66
N LEU D 13 7.81 29.53 -30.12
CA LEU D 13 6.58 28.76 -29.98
C LEU D 13 6.03 28.32 -31.33
N VAL D 14 6.01 29.25 -32.29
CA VAL D 14 5.59 28.91 -33.65
C VAL D 14 6.41 27.77 -34.20
N ARG D 15 7.74 27.86 -34.07
CA ARG D 15 8.60 26.81 -34.62
C ARG D 15 8.35 25.49 -33.93
N GLU D 16 8.12 25.52 -32.61
CA GLU D 16 7.87 24.28 -31.86
C GLU D 16 6.59 23.60 -32.34
N ILE D 17 5.52 24.37 -32.54
CA ILE D 17 4.27 23.76 -33.00
C ILE D 17 4.45 23.21 -34.41
N LEU D 18 5.11 23.98 -35.28
CA LEU D 18 5.33 23.49 -36.64
C LEU D 18 6.12 22.18 -36.63
N GLU D 19 7.11 22.07 -35.74
CA GLU D 19 7.98 20.91 -35.77
C GLU D 19 7.37 19.71 -35.02
N ARG D 20 6.79 19.93 -33.84
CA ARG D 20 6.33 18.82 -33.02
C ARG D 20 4.85 18.87 -32.68
N GLY D 21 4.11 19.85 -33.16
CA GLY D 21 2.67 19.84 -32.93
C GLY D 21 2.02 18.62 -33.55
N VAL D 22 1.00 18.11 -32.87
CA VAL D 22 0.26 16.95 -33.34
C VAL D 22 -0.89 17.44 -34.21
N LYS D 23 -1.23 16.64 -35.21
CA LYS D 23 -2.39 16.96 -36.04
C LYS D 23 -3.63 16.72 -35.19
N LYS D 24 -4.45 17.74 -35.04
CA LYS D 24 -5.61 17.65 -34.19
C LYS D 24 -6.74 18.32 -34.96
N ASP D 25 -7.83 17.58 -35.16
CA ASP D 25 -9.02 18.15 -35.77
C ASP D 25 -9.77 18.97 -34.75
N ASP D 26 -10.20 20.15 -35.18
CA ASP D 26 -10.80 21.09 -34.26
C ASP D 26 -12.26 21.36 -34.62
N ARG D 27 -12.90 22.09 -33.73
CA ARG D 27 -14.31 22.42 -33.83
C ARG D 27 -14.67 23.04 -35.18
N THR D 28 -13.82 23.95 -35.67
CA THR D 28 -14.11 24.68 -36.91
C THR D 28 -13.97 23.81 -38.15
N GLY D 29 -13.34 22.63 -38.04
CA GLY D 29 -13.08 21.81 -39.21
C GLY D 29 -11.89 22.23 -40.04
N THR D 30 -11.17 23.27 -39.63
CA THR D 30 -10.02 23.73 -40.40
C THR D 30 -8.82 22.81 -40.21
N GLY D 31 -8.66 22.27 -39.01
CA GLY D 31 -7.52 21.44 -38.70
C GLY D 31 -6.41 22.27 -38.11
N THR D 32 -5.67 21.70 -37.16
CA THR D 32 -4.62 22.43 -36.48
C THR D 32 -3.42 21.52 -36.24
N LEU D 33 -2.30 22.16 -35.93
CA LEU D 33 -1.18 21.54 -35.23
C LEU D 33 -1.18 22.09 -33.82
N SER D 34 -0.96 21.22 -32.83
CA SER D 34 -1.26 21.57 -31.45
C SER D 34 -0.21 21.01 -30.49
N ILE D 35 0.13 21.82 -29.48
CA ILE D 35 0.83 21.35 -28.31
C ILE D 35 0.06 21.85 -27.09
N PHE D 36 0.36 21.28 -25.93
CA PHE D 36 -0.36 21.55 -24.70
C PHE D 36 0.61 22.07 -23.64
N GLY D 37 0.22 23.16 -23.00
CA GLY D 37 0.94 23.71 -21.88
C GLY D 37 2.13 24.64 -22.07
N PRO D 38 2.38 25.25 -23.23
CA PRO D 38 3.56 26.11 -23.33
C PRO D 38 3.37 27.43 -22.62
N GLN D 39 4.49 28.00 -22.18
CA GLN D 39 4.49 29.27 -21.49
CA GLN D 39 4.52 29.25 -21.45
C GLN D 39 5.45 30.24 -22.16
N MET D 40 5.07 31.52 -22.14
CA MET D 40 5.92 32.60 -22.63
C MET D 40 5.92 33.70 -21.58
N ARG D 41 7.04 34.42 -21.47
CA ARG D 41 7.19 35.45 -20.46
C ARG D 41 7.79 36.68 -21.13
N PHE D 42 7.23 37.85 -20.82
CA PHE D 42 7.64 39.10 -21.44
C PHE D 42 7.87 40.17 -20.39
N SER D 43 9.01 40.86 -20.50
CA SER D 43 9.31 41.98 -19.62
C SER D 43 8.46 43.19 -20.00
N LEU D 44 7.92 43.85 -18.98
CA LEU D 44 7.23 45.12 -19.13
C LEU D 44 8.03 46.28 -18.55
N ARG D 45 9.29 46.03 -18.21
CA ARG D 45 10.11 47.06 -17.60
C ARG D 45 10.55 48.11 -18.62
N ASP D 46 10.94 49.27 -18.11
CA ASP D 46 11.39 50.36 -18.95
C ASP D 46 10.31 50.75 -19.97
N ASP D 47 9.06 50.63 -19.57
CA ASP D 47 7.88 50.99 -20.36
C ASP D 47 7.65 50.07 -21.55
N THR D 48 8.38 48.96 -21.64
CA THR D 48 8.26 48.07 -22.79
C THR D 48 6.88 47.42 -22.79
N ILE D 49 6.32 47.25 -23.99
CA ILE D 49 5.08 46.49 -24.18
C ILE D 49 5.30 45.57 -25.39
N PRO D 50 5.04 44.21 -25.25
CA PRO D 50 5.38 43.25 -26.33
C PRO D 50 4.35 43.18 -27.43
N VAL D 51 4.31 44.23 -28.26
CA VAL D 51 3.55 44.22 -29.50
C VAL D 51 4.49 43.75 -30.59
N LEU D 52 4.17 42.61 -31.22
CA LEU D 52 5.11 41.97 -32.14
C LEU D 52 5.58 42.94 -33.21
N THR D 53 6.86 42.86 -33.53
CA THR D 53 7.42 43.63 -34.62
C THR D 53 7.59 42.82 -35.90
N THR D 54 7.55 41.48 -35.83
CA THR D 54 7.65 40.68 -37.05
C THR D 54 6.34 40.63 -37.80
N LYS D 55 5.27 41.18 -37.23
CA LYS D 55 3.99 41.30 -37.90
C LYS D 55 3.28 42.51 -37.31
N LYS D 56 2.68 43.32 -38.17
CA LYS D 56 1.89 44.44 -37.67
C LYS D 56 0.67 43.90 -36.94
N ILE D 57 0.55 44.28 -35.68
CA ILE D 57 -0.58 43.93 -34.83
C ILE D 57 -1.61 45.04 -34.89
N PHE D 58 -2.88 44.65 -34.79
CA PHE D 58 -4.01 45.58 -34.85
C PHE D 58 -4.14 46.32 -33.51
N TRP D 59 -3.17 47.20 -33.25
CA TRP D 59 -3.08 47.86 -31.95
C TRP D 59 -4.34 48.65 -31.60
N ARG D 60 -4.90 49.41 -32.54
CA ARG D 60 -6.11 50.15 -32.20
C ARG D 60 -7.23 49.21 -31.78
N GLY D 61 -7.30 48.03 -32.39
CA GLY D 61 -8.26 47.03 -31.95
C GLY D 61 -7.95 46.49 -30.56
N VAL D 62 -6.68 46.22 -30.28
CA VAL D 62 -6.30 45.79 -28.93
C VAL D 62 -6.82 46.78 -27.91
N VAL D 63 -6.55 48.07 -28.14
CA VAL D 63 -6.95 49.09 -27.17
C VAL D 63 -8.46 49.11 -27.00
N GLU D 64 -9.19 49.23 -28.11
CA GLU D 64 -10.63 49.38 -27.97
C GLU D 64 -11.28 48.13 -27.43
N GLU D 65 -10.79 46.93 -27.80
CA GLU D 65 -11.37 45.73 -27.21
C GLU D 65 -11.13 45.71 -25.71
N LEU D 66 -9.94 46.11 -25.28
CA LEU D 66 -9.65 46.08 -23.86
C LEU D 66 -10.50 47.06 -23.08
N LEU D 67 -10.66 48.29 -23.58
CA LEU D 67 -11.47 49.26 -22.85
C LEU D 67 -12.94 48.80 -22.79
N TRP D 68 -13.41 48.18 -23.86
CA TRP D 68 -14.75 47.57 -23.89
C TRP D 68 -14.87 46.48 -22.83
N PHE D 69 -13.87 45.59 -22.72
CA PHE D 69 -13.85 44.60 -21.64
C PHE D 69 -13.92 45.28 -20.27
N ILE D 70 -13.05 46.25 -20.04
CA ILE D 70 -12.96 46.89 -18.72
C ILE D 70 -14.27 47.54 -18.32
N ARG D 71 -15.01 48.08 -19.29
CA ARG D 71 -16.32 48.64 -18.98
C ARG D 71 -17.39 47.57 -18.75
N GLY D 72 -17.07 46.30 -18.97
CA GLY D 72 -18.06 45.25 -18.85
C GLY D 72 -18.98 45.11 -20.02
N ASN D 73 -18.64 45.72 -21.17
CA ASN D 73 -19.53 45.74 -22.31
C ASN D 73 -19.41 44.46 -23.13
N THR D 74 -20.50 44.14 -23.85
CA THR D 74 -20.64 42.85 -24.51
C THR D 74 -21.29 42.98 -25.89
N ASP D 75 -21.45 44.19 -26.43
CA ASP D 75 -22.13 44.39 -27.71
C ASP D 75 -21.06 44.53 -28.79
N ALA D 76 -20.96 43.52 -29.67
CA ALA D 76 -20.01 43.62 -30.78
C ALA D 76 -20.34 44.80 -31.68
N LYS D 77 -21.60 45.25 -31.71
CA LYS D 77 -21.95 46.37 -32.59
C LYS D 77 -21.26 47.65 -32.16
N GLU D 78 -20.93 47.79 -30.88
CA GLU D 78 -20.23 48.99 -30.43
C GLU D 78 -18.80 49.00 -30.94
N LEU D 79 -18.15 47.85 -30.98
CA LEU D 79 -16.83 47.77 -31.62
C LEU D 79 -16.92 48.00 -33.12
N ALA D 80 -17.94 47.45 -33.77
CA ALA D 80 -18.08 47.62 -35.21
C ALA D 80 -18.28 49.07 -35.61
N LYS D 81 -18.96 49.86 -34.77
CA LYS D 81 -19.10 51.30 -35.04
C LYS D 81 -17.74 52.00 -35.04
N LYS D 82 -16.75 51.42 -34.36
CA LYS D 82 -15.38 51.93 -34.40
C LYS D 82 -14.53 51.20 -35.44
N LYS D 83 -15.16 50.51 -36.38
CA LYS D 83 -14.48 49.72 -37.41
C LYS D 83 -13.54 48.70 -36.79
N ILE D 84 -14.00 48.07 -35.70
CA ILE D 84 -13.30 46.95 -35.09
C ILE D 84 -14.25 45.77 -35.18
N HIS D 85 -13.94 44.83 -36.08
CA HIS D 85 -14.90 43.83 -36.49
C HIS D 85 -14.58 42.45 -35.93
N ILE D 86 -13.66 42.38 -34.98
CA ILE D 86 -13.11 41.11 -34.51
C ILE D 86 -14.13 40.19 -33.86
N TRP D 87 -15.23 40.72 -33.33
CA TRP D 87 -16.25 39.92 -32.68
C TRP D 87 -17.51 39.77 -33.51
N ASN D 88 -17.54 40.32 -34.73
CA ASN D 88 -18.76 40.28 -35.53
C ASN D 88 -19.16 38.86 -35.90
N ALA D 89 -18.18 38.02 -36.27
CA ALA D 89 -18.51 36.67 -36.71
C ALA D 89 -19.15 35.86 -35.60
N ASN D 90 -18.61 35.95 -34.39
CA ASN D 90 -19.18 35.14 -33.30
C ASN D 90 -20.46 35.72 -32.75
N GLY D 91 -20.77 36.95 -33.11
CA GLY D 91 -22.04 37.54 -32.74
C GLY D 91 -23.08 37.47 -33.83
N SER D 92 -22.79 36.85 -34.96
CA SER D 92 -23.74 36.80 -36.06
C SER D 92 -24.89 35.85 -35.73
N ARG D 93 -26.04 36.09 -36.37
CA ARG D 93 -27.20 35.22 -36.20
C ARG D 93 -26.81 33.75 -36.39
N GLU D 94 -26.04 33.47 -37.44
CA GLU D 94 -25.66 32.09 -37.73
C GLU D 94 -24.87 31.47 -36.58
N PHE D 95 -23.92 32.21 -36.03
CA PHE D 95 -23.09 31.61 -34.98
C PHE D 95 -23.84 31.49 -33.68
N LEU D 96 -24.63 32.52 -33.34
CA LEU D 96 -25.46 32.45 -32.15
C LEU D 96 -26.41 31.24 -32.22
N ASP D 97 -27.02 31.02 -33.38
CA ASP D 97 -27.91 29.87 -33.52
C ASP D 97 -27.15 28.56 -33.33
N SER D 98 -25.91 28.50 -33.81
CA SER D 98 -25.10 27.28 -33.62
C SER D 98 -24.78 27.02 -32.16
N ARG D 99 -24.85 28.04 -31.31
CA ARG D 99 -24.69 27.91 -29.86
C ARG D 99 -26.02 27.69 -29.16
N GLY D 100 -27.12 27.62 -29.92
CA GLY D 100 -28.45 27.46 -29.37
C GLY D 100 -29.11 28.73 -28.89
N LEU D 101 -28.56 29.89 -29.23
CA LEU D 101 -29.06 31.18 -28.74
C LEU D 101 -29.95 31.82 -29.81
N TYR D 102 -31.05 31.11 -30.10
CA TYR D 102 -31.86 31.43 -31.25
C TYR D 102 -32.55 32.79 -31.14
N ASP D 103 -32.86 33.24 -29.92
CA ASP D 103 -33.52 34.52 -29.73
C ASP D 103 -32.54 35.68 -29.44
N ARG D 104 -31.25 35.40 -29.34
CA ARG D 104 -30.30 36.44 -28.96
C ARG D 104 -30.15 37.44 -30.09
N ALA D 105 -30.21 38.74 -29.77
CA ALA D 105 -30.01 39.75 -30.78
C ALA D 105 -28.62 39.64 -31.37
N GLU D 106 -28.54 39.81 -32.70
CA GLU D 106 -27.25 39.80 -33.38
C GLU D 106 -26.32 40.83 -32.74
N GLY D 107 -25.08 40.40 -32.52
CA GLY D 107 -24.07 41.23 -31.91
C GLY D 107 -24.03 41.17 -30.40
N ASP D 108 -25.08 40.66 -29.77
CA ASP D 108 -25.11 40.59 -28.30
C ASP D 108 -24.41 39.31 -27.88
N LEU D 109 -23.16 39.42 -27.45
CA LEU D 109 -22.33 38.24 -27.22
C LEU D 109 -22.69 37.49 -25.95
N GLY D 110 -23.50 38.07 -25.07
CA GLY D 110 -23.82 37.44 -23.81
C GLY D 110 -22.82 37.86 -22.75
N PRO D 111 -22.81 37.15 -21.65
CA PRO D 111 -21.99 37.53 -20.48
C PRO D 111 -20.53 37.10 -20.63
N VAL D 112 -19.86 37.68 -21.62
CA VAL D 112 -18.50 37.26 -21.98
C VAL D 112 -17.49 38.15 -21.28
N TYR D 113 -16.26 37.65 -21.22
CA TYR D 113 -15.08 38.37 -20.75
C TYR D 113 -15.33 39.48 -19.73
N GLY D 114 -15.35 40.75 -20.16
CA GLY D 114 -15.40 41.85 -19.21
C GLY D 114 -16.65 41.88 -18.35
N PHE D 115 -17.75 41.30 -18.84
CA PHE D 115 -18.93 41.17 -18.01
C PHE D 115 -18.60 40.34 -16.78
N GLN D 116 -17.87 39.24 -16.98
CA GLN D 116 -17.46 38.43 -15.84
C GLN D 116 -16.43 39.14 -14.99
N TRP D 117 -15.49 39.88 -15.61
CA TRP D 117 -14.50 40.60 -14.84
C TRP D 117 -15.12 41.59 -13.86
N ARG D 118 -16.17 42.30 -14.29
CA ARG D 118 -16.76 43.39 -13.50
C ARG D 118 -18.04 42.99 -12.78
N HIS D 119 -18.71 41.90 -13.20
CA HIS D 119 -20.05 41.57 -12.71
C HIS D 119 -20.24 40.07 -12.54
N PHE D 120 -19.19 39.37 -12.11
CA PHE D 120 -19.28 37.92 -12.02
C PHE D 120 -20.48 37.51 -11.16
N GLY D 121 -21.30 36.61 -11.70
CA GLY D 121 -22.45 36.09 -10.98
C GLY D 121 -23.74 36.87 -11.20
N ALA D 122 -23.67 38.06 -11.80
CA ALA D 122 -24.88 38.81 -12.08
C ALA D 122 -25.70 38.10 -13.16
N GLU D 123 -27.01 38.31 -13.11
CA GLU D 123 -27.89 37.76 -14.13
C GLU D 123 -27.83 38.62 -15.39
N TYR D 124 -27.56 37.97 -16.52
CA TYR D 124 -27.47 38.67 -17.78
C TYR D 124 -28.85 38.85 -18.37
N ASP D 125 -29.08 40.04 -18.92
CA ASP D 125 -30.30 40.37 -19.61
C ASP D 125 -29.94 40.61 -21.06
N THR D 126 -29.54 41.83 -21.44
CA THR D 126 -29.01 42.11 -22.77
C THR D 126 -27.76 42.95 -22.65
N CYS D 127 -27.12 43.16 -23.79
CA CYS D 127 -25.93 43.99 -23.83
C CYS D 127 -26.21 45.45 -23.53
N SER D 128 -27.47 45.90 -23.64
CA SER D 128 -27.78 47.30 -23.35
C SER D 128 -28.21 47.53 -21.91
N SER D 129 -28.36 46.48 -21.11
CA SER D 129 -28.81 46.63 -19.73
C SER D 129 -27.76 47.31 -18.88
N ASP D 130 -28.22 47.90 -17.78
CA ASP D 130 -27.37 48.61 -16.84
C ASP D 130 -26.95 47.61 -15.78
N TYR D 131 -25.67 47.30 -15.73
CA TYR D 131 -25.14 46.35 -14.75
C TYR D 131 -24.39 47.03 -13.62
N THR D 132 -24.52 48.35 -13.47
CA THR D 132 -23.80 49.06 -12.42
C THR D 132 -24.14 48.43 -11.08
N GLY D 133 -23.10 48.06 -10.33
CA GLY D 133 -23.28 47.51 -9.01
C GLY D 133 -23.75 46.07 -8.96
N LYS D 134 -23.86 45.38 -10.09
CA LYS D 134 -24.35 44.00 -10.08
C LYS D 134 -23.19 43.01 -10.15
N GLY D 135 -23.31 41.94 -9.37
CA GLY D 135 -22.27 40.93 -9.41
C GLY D 135 -21.01 41.35 -8.68
N ILE D 136 -19.99 40.51 -8.84
CA ILE D 136 -18.72 40.67 -8.15
C ILE D 136 -17.73 41.38 -9.08
N ASP D 137 -17.24 42.54 -8.64
CA ASP D 137 -16.31 43.32 -9.46
C ASP D 137 -14.90 42.84 -9.12
N GLN D 138 -14.48 41.78 -9.80
CA GLN D 138 -13.18 41.21 -9.53
C GLN D 138 -12.05 42.20 -9.82
N LEU D 139 -12.18 42.97 -10.89
CA LEU D 139 -11.12 43.90 -11.26
C LEU D 139 -10.99 44.99 -10.22
N ALA D 140 -12.11 45.60 -9.80
CA ALA D 140 -12.05 46.62 -8.76
C ALA D 140 -11.46 46.05 -7.47
N ASN D 141 -11.83 44.81 -7.14
CA ASN D 141 -11.32 44.21 -5.90
C ASN D 141 -9.81 44.00 -5.96
N ILE D 142 -9.31 43.58 -7.13
CA ILE D 142 -7.86 43.42 -7.28
C ILE D 142 -7.16 44.75 -7.09
N LEU D 143 -7.68 45.82 -7.71
CA LEU D 143 -7.03 47.12 -7.58
C LEU D 143 -6.97 47.55 -6.12
N LYS D 144 -8.05 47.31 -5.37
CA LYS D 144 -8.04 47.62 -3.94
C LYS D 144 -6.99 46.78 -3.20
N THR D 145 -6.94 45.47 -3.49
CA THR D 145 -5.99 44.58 -2.83
C THR D 145 -4.55 44.98 -3.14
N LEU D 146 -4.29 45.40 -4.37
CA LEU D 146 -2.94 45.80 -4.75
C LEU D 146 -2.45 46.96 -3.89
N ARG D 147 -3.36 47.86 -3.50
CA ARG D 147 -2.99 49.00 -2.67
C ARG D 147 -2.87 48.61 -1.21
N GLU D 148 -3.78 47.75 -0.72
CA GLU D 148 -3.90 47.48 0.71
C GLU D 148 -3.13 46.24 1.18
N ASN D 149 -3.02 45.21 0.33
CA ASN D 149 -2.37 43.95 0.71
C ASN D 149 -1.75 43.31 -0.51
N PRO D 150 -0.71 43.93 -1.05
CA PRO D 150 -0.15 43.46 -2.33
C PRO D 150 0.44 42.07 -2.30
N ASP D 151 0.72 41.51 -1.12
CA ASP D 151 1.24 40.15 -1.02
C ASP D 151 0.14 39.09 -1.10
N ASP D 152 -1.12 39.50 -1.19
CA ASP D 152 -2.24 38.56 -1.28
C ASP D 152 -2.01 37.57 -2.43
N ARG D 153 -2.29 36.30 -2.17
CA ARG D 153 -2.10 35.25 -3.16
C ARG D 153 -3.41 34.85 -3.85
N ARG D 154 -4.44 35.70 -3.76
CA ARG D 154 -5.77 35.40 -4.28
C ARG D 154 -6.25 36.44 -5.29
N MET D 155 -5.33 37.19 -5.93
CA MET D 155 -5.72 38.26 -6.84
C MET D 155 -6.02 37.66 -8.21
N ILE D 156 -7.21 37.08 -8.31
CA ILE D 156 -7.65 36.31 -9.46
C ILE D 156 -8.78 37.05 -10.16
N MET D 157 -8.72 37.11 -11.48
CA MET D 157 -9.80 37.65 -12.30
C MET D 157 -10.14 36.58 -13.33
N THR D 158 -11.33 35.98 -13.22
CA THR D 158 -11.70 34.91 -14.14
C THR D 158 -12.97 35.24 -14.91
N ALA D 159 -13.01 34.80 -16.17
CA ALA D 159 -14.23 34.78 -16.95
C ALA D 159 -14.86 33.39 -17.05
N TRP D 160 -14.25 32.38 -16.43
CA TRP D 160 -14.75 31.02 -16.53
C TRP D 160 -15.83 30.81 -15.47
N ASN D 161 -17.07 31.08 -15.88
CA ASN D 161 -18.23 30.86 -15.03
C ASN D 161 -19.03 29.71 -15.63
N PRO D 162 -18.90 28.49 -15.10
CA PRO D 162 -19.65 27.35 -15.67
C PRO D 162 -21.13 27.59 -15.83
N MET D 163 -21.71 28.40 -14.96
CA MET D 163 -23.16 28.63 -15.00
C MET D 163 -23.57 29.45 -16.22
N ASP D 164 -22.66 30.27 -16.76
CA ASP D 164 -22.97 31.21 -17.84
C ASP D 164 -22.41 30.79 -19.21
N LEU D 165 -21.60 29.72 -19.28
CA LEU D 165 -20.94 29.40 -20.54
C LEU D 165 -21.95 29.27 -21.68
N HIS D 166 -23.09 28.63 -21.42
CA HIS D 166 -24.05 28.40 -22.49
C HIS D 166 -24.68 29.70 -22.99
N LEU D 167 -24.60 30.78 -22.22
CA LEU D 167 -25.13 32.07 -22.68
C LEU D 167 -24.13 32.86 -23.50
N MET D 168 -22.90 32.42 -23.55
CA MET D 168 -21.84 33.15 -24.21
C MET D 168 -21.76 32.74 -25.68
N ALA D 169 -21.47 33.72 -26.54
CA ALA D 169 -21.28 33.41 -27.95
C ALA D 169 -20.13 32.42 -28.14
N LEU D 170 -19.12 32.51 -27.29
CA LEU D 170 -17.98 31.61 -27.32
C LEU D 170 -17.48 31.53 -25.89
N PRO D 171 -17.08 30.36 -25.38
CA PRO D 171 -16.44 30.33 -24.05
C PRO D 171 -15.14 31.11 -24.09
N PRO D 172 -14.76 31.71 -22.97
CA PRO D 172 -13.55 32.57 -22.99
C PRO D 172 -12.32 31.77 -23.33
N CYS D 173 -11.49 32.36 -24.18
CA CYS D 173 -10.19 31.80 -24.54
C CYS D 173 -9.15 32.16 -23.48
N HIS D 174 -8.89 33.45 -23.33
CA HIS D 174 -8.15 33.95 -22.18
C HIS D 174 -9.09 33.91 -20.99
N MET D 175 -8.86 33.01 -20.04
CA MET D 175 -9.93 32.70 -19.11
C MET D 175 -9.68 33.09 -17.66
N THR D 176 -8.44 33.05 -17.17
CA THR D 176 -8.19 33.39 -15.79
C THR D 176 -6.82 34.04 -15.68
N ALA D 177 -6.76 35.17 -14.99
CA ALA D 177 -5.53 35.92 -14.77
C ALA D 177 -5.28 36.06 -13.28
N GLN D 178 -4.01 36.02 -12.91
CA GLN D 178 -3.58 36.26 -11.54
C GLN D 178 -2.57 37.39 -11.53
N PHE D 179 -2.64 38.23 -10.51
CA PHE D 179 -1.69 39.31 -10.33
C PHE D 179 -0.82 39.05 -9.11
N TYR D 180 0.37 39.67 -9.12
CA TYR D 180 1.44 39.38 -8.17
C TYR D 180 2.28 40.64 -8.05
N VAL D 181 2.78 40.92 -6.84
CA VAL D 181 3.61 42.10 -6.60
C VAL D 181 4.92 41.67 -5.96
N ALA D 182 6.02 42.19 -6.48
CA ALA D 182 7.32 42.00 -5.83
C ALA D 182 8.19 43.21 -6.15
N ASN D 183 8.83 43.73 -5.12
CA ASN D 183 9.77 44.84 -5.27
C ASN D 183 9.13 45.99 -6.05
N GLY D 184 7.89 46.32 -5.69
CA GLY D 184 7.18 47.43 -6.30
C GLY D 184 6.76 47.26 -7.73
N GLU D 185 6.80 46.03 -8.24
CA GLU D 185 6.46 45.73 -9.64
C GLU D 185 5.23 44.82 -9.68
N LEU D 186 4.33 45.14 -10.59
CA LEU D 186 3.13 44.34 -10.81
C LEU D 186 3.36 43.39 -11.97
N SER D 187 3.12 42.10 -11.74
CA SER D 187 3.15 41.08 -12.78
C SER D 187 1.78 40.44 -12.94
N CYS D 188 1.57 39.85 -14.10
CA CYS D 188 0.29 39.23 -14.45
C CYS D 188 0.58 37.90 -15.13
N GLN D 189 -0.10 36.85 -14.70
CA GLN D 189 -0.07 35.58 -15.41
C GLN D 189 -1.46 35.28 -15.92
N LEU D 190 -1.56 35.00 -17.21
CA LEU D 190 -2.82 34.62 -17.83
C LEU D 190 -2.80 33.15 -18.16
N TYR D 191 -3.85 32.43 -17.73
CA TYR D 191 -4.14 31.08 -18.21
C TYR D 191 -5.12 31.20 -19.36
N GLN D 192 -4.69 30.75 -20.53
CA GLN D 192 -5.49 30.82 -21.75
C GLN D 192 -5.71 29.40 -22.23
N ARG D 193 -6.95 28.91 -22.15
CA ARG D 193 -7.24 27.51 -22.42
C ARG D 193 -6.99 27.15 -23.87
N SER D 194 -7.03 28.14 -24.75
CA SER D 194 -7.05 27.88 -26.17
C SER D 194 -6.47 29.12 -26.86
N GLY D 195 -5.42 28.91 -27.62
CA GLY D 195 -4.73 30.01 -28.28
C GLY D 195 -4.48 29.73 -29.75
N ASP D 196 -5.12 30.52 -30.60
CA ASP D 196 -4.87 30.55 -32.03
C ASP D 196 -3.58 31.34 -32.20
N VAL D 197 -2.47 30.62 -32.40
CA VAL D 197 -1.14 31.23 -32.31
C VAL D 197 -0.90 32.25 -33.41
N GLY D 198 -1.48 32.02 -34.59
CA GLY D 198 -1.29 32.95 -35.70
C GLY D 198 -2.10 34.24 -35.57
N LEU D 199 -3.29 34.17 -34.97
CA LEU D 199 -4.22 35.30 -34.97
C LEU D 199 -4.44 35.87 -33.57
N GLY D 200 -5.18 35.17 -32.71
CA GLY D 200 -5.54 35.73 -31.43
C GLY D 200 -4.37 35.94 -30.49
N VAL D 201 -3.42 34.99 -30.44
CA VAL D 201 -2.40 35.04 -29.39
C VAL D 201 -1.57 36.32 -29.41
N PRO D 202 -1.06 36.79 -30.55
CA PRO D 202 -0.29 38.06 -30.52
C PRO D 202 -1.12 39.21 -29.98
N PHE D 203 -2.40 39.24 -30.35
CA PHE D 203 -3.32 40.28 -29.93
C PHE D 203 -3.58 40.17 -28.43
N ASN D 204 -3.80 38.94 -27.94
CA ASN D 204 -4.04 38.69 -26.52
C ASN D 204 -2.83 39.06 -25.67
N ILE D 205 -1.62 38.78 -26.18
CA ILE D 205 -0.39 39.19 -25.47
C ILE D 205 -0.35 40.71 -25.31
N ALA D 206 -0.62 41.43 -26.40
CA ALA D 206 -0.63 42.90 -26.34
C ALA D 206 -1.71 43.39 -25.38
N SER D 207 -2.87 42.73 -25.39
CA SER D 207 -4.00 43.16 -24.57
C SER D 207 -3.69 43.06 -23.09
N TYR D 208 -3.27 41.88 -22.64
CA TYR D 208 -3.01 41.72 -21.21
C TYR D 208 -1.77 42.49 -20.77
N SER D 209 -0.79 42.70 -21.67
CA SER D 209 0.35 43.54 -21.33
C SER D 209 -0.10 44.98 -21.11
N LEU D 210 -0.96 45.47 -22.00
CA LEU D 210 -1.56 46.78 -21.81
C LEU D 210 -2.34 46.84 -20.50
N LEU D 211 -3.17 45.82 -20.23
CA LEU D 211 -3.94 45.81 -19.00
C LEU D 211 -3.01 45.92 -17.79
N THR D 212 -1.90 45.19 -17.80
CA THR D 212 -0.98 45.25 -16.67
C THR D 212 -0.37 46.64 -16.51
N HIS D 213 0.03 47.28 -17.62
CA HIS D 213 0.50 48.66 -17.56
C HIS D 213 -0.56 49.60 -16.99
N LEU D 214 -1.80 49.47 -17.46
CA LEU D 214 -2.84 50.37 -16.97
C LEU D 214 -3.13 50.15 -15.49
N MET D 215 -3.20 48.88 -15.08
CA MET D 215 -3.45 48.61 -13.67
C MET D 215 -2.34 49.14 -12.79
N ALA D 216 -1.08 48.98 -13.22
CA ALA D 216 0.02 49.48 -12.42
C ALA D 216 -0.10 50.98 -12.19
N SER D 217 -0.49 51.72 -13.25
CA SER D 217 -0.61 53.16 -13.12
C SER D 217 -1.75 53.56 -12.19
N MET D 218 -2.69 52.66 -11.91
CA MET D 218 -3.79 52.96 -11.01
C MET D 218 -3.42 52.79 -9.54
N VAL D 219 -2.37 52.03 -9.22
CA VAL D 219 -2.12 51.65 -7.83
C VAL D 219 -0.71 52.01 -7.39
N GLY D 220 0.02 52.78 -8.20
CA GLY D 220 1.33 53.25 -7.80
C GLY D 220 2.43 52.22 -7.91
N LEU D 221 2.30 51.25 -8.80
CA LEU D 221 3.34 50.25 -9.02
C LEU D 221 3.91 50.45 -10.42
N LYS D 222 5.02 49.80 -10.65
CA LYS D 222 5.62 49.77 -11.98
C LYS D 222 5.35 48.40 -12.60
N PRO D 223 5.19 48.31 -13.91
CA PRO D 223 4.93 47.00 -14.52
C PRO D 223 6.15 46.10 -14.43
N GLY D 224 5.91 44.83 -14.15
CA GLY D 224 7.00 43.86 -14.05
C GLY D 224 7.04 42.94 -15.26
N GLU D 225 6.28 41.83 -15.20
CA GLU D 225 6.32 40.84 -16.26
C GLU D 225 4.89 40.42 -16.60
N PHE D 226 4.68 40.06 -17.86
CA PHE D 226 3.47 39.37 -18.29
C PHE D 226 3.81 37.95 -18.71
N ILE D 227 3.11 36.96 -18.14
CA ILE D 227 3.33 35.56 -18.43
C ILE D 227 2.05 34.99 -19.05
N LEU D 228 2.18 34.39 -20.22
CA LEU D 228 1.08 33.72 -20.89
C LEU D 228 1.31 32.21 -20.78
N THR D 229 0.38 31.53 -20.14
CA THR D 229 0.41 30.07 -20.04
C THR D 229 -0.76 29.54 -20.86
N LEU D 230 -0.46 28.75 -21.88
CA LEU D 230 -1.46 28.21 -22.76
C LEU D 230 -1.85 26.78 -22.41
N GLY D 231 -3.12 26.46 -22.65
CA GLY D 231 -3.59 25.10 -22.71
C GLY D 231 -3.32 24.53 -24.08
N ASP D 232 -4.35 24.47 -24.94
CA ASP D 232 -4.17 24.03 -26.32
C ASP D 232 -3.63 25.21 -27.14
N ALA D 233 -2.34 25.20 -27.41
CA ALA D 233 -1.69 26.18 -28.26
C ALA D 233 -1.62 25.58 -29.65
N HIS D 234 -2.27 26.21 -30.62
CA HIS D 234 -2.44 25.61 -31.92
C HIS D 234 -2.21 26.61 -33.04
N ILE D 235 -1.73 26.09 -34.15
CA ILE D 235 -1.65 26.81 -35.42
C ILE D 235 -2.68 26.19 -36.35
N TYR D 236 -3.57 27.01 -36.89
CA TYR D 236 -4.50 26.53 -37.90
C TYR D 236 -3.74 26.20 -39.18
N ASN D 237 -4.14 25.10 -39.82
CA ASN D 237 -3.41 24.67 -41.02
C ASN D 237 -3.36 25.76 -42.08
N THR D 238 -4.39 26.61 -42.14
CA THR D 238 -4.44 27.70 -43.09
C THR D 238 -3.43 28.81 -42.83
N HIS D 239 -2.77 28.82 -41.66
CA HIS D 239 -1.81 29.86 -41.30
C HIS D 239 -0.37 29.42 -41.47
N ILE D 240 -0.13 28.16 -41.82
CA ILE D 240 1.23 27.62 -41.76
C ILE D 240 2.16 28.39 -42.69
N GLU D 241 1.74 28.63 -43.94
CA GLU D 241 2.66 29.25 -44.90
C GLU D 241 2.98 30.69 -44.49
N VAL D 242 1.99 31.45 -44.04
CA VAL D 242 2.25 32.83 -43.64
C VAL D 242 3.13 32.87 -42.40
N LEU D 243 2.95 31.93 -41.47
CA LEU D 243 3.78 31.91 -40.28
C LEU D 243 5.22 31.53 -40.60
N LYS D 244 5.42 30.64 -41.57
CA LYS D 244 6.79 30.35 -42.01
C LYS D 244 7.46 31.60 -42.59
N LYS D 245 6.69 32.43 -43.30
CA LYS D 245 7.26 33.69 -43.78
C LYS D 245 7.61 34.62 -42.61
N GLN D 246 6.74 34.69 -41.61
CA GLN D 246 7.01 35.53 -40.45
C GLN D 246 8.28 35.10 -39.73
N LEU D 247 8.56 33.81 -39.68
CA LEU D 247 9.72 33.30 -38.96
C LEU D 247 11.04 33.77 -39.55
N CYS D 248 11.04 34.19 -40.82
CA CYS D 248 12.26 34.69 -41.44
C CYS D 248 12.56 36.14 -41.10
N ARG D 249 11.63 36.84 -40.46
CA ARG D 249 11.81 38.25 -40.14
C ARG D 249 12.56 38.39 -38.83
N VAL D 250 13.47 39.36 -38.80
CA VAL D 250 14.28 39.60 -37.61
C VAL D 250 13.52 40.55 -36.69
N PRO D 251 13.31 40.20 -35.41
CA PRO D 251 12.61 41.13 -34.52
C PRO D 251 13.37 42.43 -34.35
N ARG D 252 12.61 43.51 -34.18
CA ARG D 252 13.12 44.81 -33.80
C ARG D 252 12.72 45.12 -32.37
N PRO D 253 13.35 46.10 -31.73
CA PRO D 253 12.97 46.40 -30.34
C PRO D 253 11.49 46.71 -30.20
N PHE D 254 10.90 46.22 -29.12
CA PHE D 254 9.48 46.42 -28.85
C PHE D 254 9.19 47.90 -28.63
N PRO D 255 7.97 48.33 -28.89
CA PRO D 255 7.58 49.69 -28.58
C PRO D 255 7.45 49.92 -27.08
N LYS D 256 7.19 51.16 -26.70
CA LYS D 256 6.98 51.52 -25.31
C LYS D 256 5.60 52.13 -25.16
N LEU D 257 4.99 51.92 -24.00
CA LEU D 257 3.71 52.53 -23.68
C LEU D 257 3.95 53.78 -22.84
N ARG D 258 3.37 54.88 -23.26
CA ARG D 258 3.44 56.15 -22.53
C ARG D 258 2.05 56.41 -21.97
N ILE D 259 1.92 56.28 -20.66
CA ILE D 259 0.69 56.63 -19.98
C ILE D 259 0.80 58.08 -19.56
N LEU D 260 -0.14 58.90 -20.01
CA LEU D 260 -0.09 60.33 -19.78
C LEU D 260 -0.80 60.72 -18.49
N MET D 261 -1.84 59.98 -18.12
CA MET D 261 -2.56 60.21 -16.88
C MET D 261 -3.33 58.93 -16.55
N ALA D 262 -3.71 58.80 -15.28
CA ALA D 262 -4.57 57.72 -14.84
C ALA D 262 -5.86 58.29 -14.28
N PRO D 263 -7.02 57.80 -14.68
CA PRO D 263 -8.29 58.32 -14.16
C PRO D 263 -8.58 57.78 -12.77
N GLU D 264 -9.71 58.22 -12.20
CA GLU D 264 -10.09 57.80 -10.85
C GLU D 264 -10.52 56.34 -10.82
N LYS D 265 -11.22 55.88 -11.84
CA LYS D 265 -11.65 54.50 -11.98
C LYS D 265 -11.11 53.97 -13.30
N ILE D 266 -10.73 52.69 -13.31
CA ILE D 266 -10.04 52.13 -14.46
C ILE D 266 -10.93 52.15 -15.71
N GLU D 267 -12.25 51.98 -15.53
CA GLU D 267 -13.15 52.00 -16.67
C GLU D 267 -13.29 53.38 -17.30
N ASP D 268 -12.69 54.40 -16.71
CA ASP D 268 -12.68 55.73 -17.31
C ASP D 268 -11.47 55.99 -18.20
N PHE D 269 -10.57 55.01 -18.35
CA PHE D 269 -9.47 55.18 -19.29
C PHE D 269 -10.04 55.37 -20.69
N THR D 270 -9.46 56.32 -21.43
CA THR D 270 -9.77 56.50 -22.84
C THR D 270 -8.47 56.47 -23.62
N ILE D 271 -8.59 56.28 -24.94
CA ILE D 271 -7.41 56.21 -25.79
C ILE D 271 -6.62 57.51 -25.76
N ASP D 272 -7.24 58.62 -25.32
CA ASP D 272 -6.55 59.90 -25.22
C ASP D 272 -5.57 59.93 -24.06
N MET D 273 -5.60 58.95 -23.17
CA MET D 273 -4.79 58.97 -21.96
C MET D 273 -3.50 58.16 -22.07
N PHE D 274 -3.24 57.50 -23.19
CA PHE D 274 -1.99 56.75 -23.33
C PHE D 274 -1.74 56.51 -24.82
N TYR D 275 -0.48 56.24 -25.15
CA TYR D 275 -0.16 55.94 -26.55
C TYR D 275 1.05 55.02 -26.64
N LEU D 276 1.17 54.40 -27.81
CA LEU D 276 2.26 53.50 -28.13
C LEU D 276 3.34 54.29 -28.84
N GLU D 277 4.54 54.27 -28.29
CA GLU D 277 5.68 55.04 -28.80
C GLU D 277 6.65 54.11 -29.50
N GLY D 278 7.04 54.47 -30.73
CA GLY D 278 8.11 53.76 -31.41
C GLY D 278 7.76 52.37 -31.93
N TYR D 279 6.50 52.13 -32.31
CA TYR D 279 6.14 50.84 -32.88
C TYR D 279 6.59 50.80 -34.34
N GLN D 280 7.49 49.86 -34.68
CA GLN D 280 8.07 49.79 -36.02
C GLN D 280 7.99 48.37 -36.56
N PRO D 281 6.79 47.88 -36.83
CA PRO D 281 6.64 46.53 -37.38
C PRO D 281 7.15 46.44 -38.81
N HIS D 282 7.55 45.23 -39.19
CA HIS D 282 7.86 44.94 -40.60
C HIS D 282 6.66 45.32 -41.45
N SER D 283 6.93 45.88 -42.63
CA SER D 283 5.88 46.56 -43.38
C SER D 283 4.95 45.60 -44.12
N GLY D 284 5.42 44.44 -44.55
CA GLY D 284 4.57 43.55 -45.31
C GLY D 284 3.48 42.92 -44.47
N ASN D 285 2.22 43.30 -44.71
CA ASN D 285 1.12 42.79 -43.91
C ASN D 285 0.94 41.29 -44.11
N LEU D 286 0.70 40.59 -43.01
CA LEU D 286 0.51 39.15 -43.02
C LEU D 286 -0.93 38.87 -42.64
N GLN D 287 -1.62 38.08 -43.45
CA GLN D 287 -3.04 37.79 -43.27
C GLN D 287 -3.19 36.38 -42.72
N MET D 288 -3.80 36.28 -41.53
CA MET D 288 -4.14 35.01 -40.87
CA MET D 288 -4.14 35.00 -40.89
C MET D 288 -5.67 34.97 -40.79
N LYS D 289 -6.29 34.38 -41.80
CA LYS D 289 -7.76 34.36 -41.85
C LYS D 289 -8.35 33.64 -40.64
N MET D 290 -9.35 34.24 -40.01
CA MET D 290 -10.06 33.61 -38.90
C MET D 290 -10.81 32.38 -39.37
N ALA D 291 -10.58 31.26 -38.70
CA ALA D 291 -11.31 30.03 -38.99
C ALA D 291 -12.74 30.20 -38.53
N1 UMP E . 11.22 -31.03 28.75
C2 UMP E . 11.64 -31.98 27.92
N3 UMP E . 10.78 -33.00 27.71
C4 UMP E . 9.71 -33.28 28.42
C5 UMP E . 9.25 -32.31 29.45
C6 UMP E . 9.84 -30.94 29.25
O2 UMP E . 12.73 -31.96 27.35
O4 UMP E . 9.13 -34.35 28.30
C1' UMP E . 12.21 -30.00 29.17
C2' UMP E . 12.44 -28.84 28.17
C3' UMP E . 12.84 -27.73 29.13
C4' UMP E . 11.94 -27.98 30.33
O3' UMP E . 14.22 -27.93 29.47
O4' UMP E . 11.73 -29.39 30.37
C5' UMP E . 10.60 -27.27 30.24
O5' UMP E . 10.86 -25.89 30.51
P UMP E . 10.17 -24.77 29.57
OP1 UMP E . 10.75 -23.51 30.15
OP2 UMP E . 8.68 -24.90 29.70
OP3 UMP E . 10.65 -25.00 28.17
N1 D16 F . 12.22 -30.54 33.31
C2 D16 F . 13.42 -30.36 32.73
CM2 D16 F . 14.16 -29.11 33.09
N3 D16 F . 14.02 -31.18 31.86
C4 D16 F . 13.39 -32.35 31.51
O4 D16 F . 13.89 -33.10 30.65
C4A D16 F . 12.10 -32.66 32.15
C5 D16 F . 11.48 -33.90 31.98
C6 D16 F . 10.31 -34.22 32.65
C7 D16 F . 9.73 -33.27 33.47
C8 D16 F . 10.32 -32.02 33.66
C8A D16 F . 11.53 -31.71 33.02
C9 D16 F . 9.67 -35.58 32.50
N10 D16 F . 10.54 -36.59 31.92
C11 D16 F . 13.64 -38.36 33.16
S13 D16 F . 12.56 -38.35 31.82
C14 D16 F . 11.63 -37.06 32.53
C15 D16 F . 12.17 -36.66 33.76
C16 D16 F . 13.28 -37.42 34.12
C D16 F . 14.62 -39.46 33.21
O D16 F . 14.89 -40.09 32.19
N D16 F . 15.23 -39.64 34.38
CA D16 F . 16.18 -40.73 34.60
CB D16 F . 17.60 -40.19 34.65
CG D16 F . 17.79 -39.11 35.71
CD D16 F . 19.21 -38.60 35.76
OE1 D16 F . 19.56 -37.66 36.47
OE2 D16 F . 20.02 -39.26 34.98
CT D16 F . 15.86 -41.53 35.85
O1 D16 F . 16.21 -42.68 36.01
O2 D16 F . 15.15 -40.86 36.73
CP1 D16 F . 10.22 -37.06 30.57
S SO4 G . 32.11 -44.82 33.83
O1 SO4 G . 32.05 -45.91 34.81
O2 SO4 G . 33.34 -44.05 34.04
O3 SO4 G . 31.00 -43.90 34.04
O4 SO4 G . 32.07 -45.39 32.49
N1 UMP H . -1.52 -25.62 1.06
C2 UMP H . -0.33 -25.01 1.07
N3 UMP H . -0.24 -23.82 1.67
C4 UMP H . -1.28 -23.06 2.05
C5 UMP H . -2.65 -23.65 1.98
C6 UMP H . -2.69 -25.15 1.81
O2 UMP H . 0.66 -25.54 0.57
O4 UMP H . -1.14 -21.88 2.35
C1' UMP H . -1.70 -26.83 0.23
C2' UMP H . -1.25 -28.15 0.85
C3' UMP H . -2.16 -29.16 0.17
C4' UMP H . -3.45 -28.37 0.07
O3' UMP H . -1.69 -29.37 -1.16
O4' UMP H . -3.11 -26.98 -0.03
C5' UMP H . -4.26 -28.57 1.33
O5' UMP H . -4.91 -29.83 1.19
P UMP H . -4.95 -30.83 2.46
OP1 UMP H . -5.59 -32.12 1.90
OP2 UMP H . -5.79 -30.16 3.54
OP3 UMP H . -3.53 -31.11 2.92
N1 D16 I . -4.67 -25.50 -2.39
C2 D16 I . -3.67 -26.21 -2.94
CM2 D16 I . -4.02 -27.54 -3.53
N3 D16 I . -2.37 -25.82 -3.03
C4 D16 I . -2.01 -24.57 -2.56
O4 D16 I . -0.83 -24.23 -2.53
C4A D16 I . -3.08 -23.72 -2.00
C5 D16 I . -2.85 -22.38 -1.65
C6 D16 I . -3.88 -21.54 -1.23
C7 D16 I . -5.16 -22.07 -1.13
C8 D16 I . -5.42 -23.39 -1.47
C8A D16 I . -4.39 -24.21 -1.92
C9 D16 I . -3.63 -20.09 -0.86
N10 D16 I . -2.35 -19.58 -1.31
C11 D16 I . -1.06 -18.79 -4.76
S13 D16 I . -0.57 -18.72 -3.09
C14 D16 I . -2.07 -19.41 -2.60
C15 D16 I . -2.89 -19.67 -3.70
C16 D16 I . -2.30 -19.31 -4.89
C D16 I . -0.15 -18.18 -5.75
O D16 I . 1.00 -17.86 -5.45
N D16 I . -0.65 -18.06 -6.98
CA D16 I . 0.10 -17.36 -8.02
CB D16 I . 0.59 -18.36 -9.04
CG D16 I . -0.51 -19.21 -9.65
CD D16 I . 0.02 -20.06 -10.76
OE1 D16 I . -0.69 -20.68 -11.53
OE2 D16 I . 1.33 -20.05 -10.82
CT D16 I . -0.78 -16.28 -8.63
O1 D16 I . -1.99 -16.27 -8.57
O2 D16 I . -0.07 -15.35 -9.21
CP1 D16 I . -1.40 -19.33 -0.25
N1 UMP J . -1.77 25.19 -0.31
C2 UMP J . -1.19 24.31 -1.12
N3 UMP J . -1.91 23.28 -1.56
C4 UMP J . -3.11 22.92 -1.12
C5 UMP J . -3.81 23.84 -0.15
C6 UMP J . -3.22 25.24 -0.08
O2 UMP J . -0.02 24.45 -1.46
O4 UMP J . -3.63 21.86 -1.44
C1' UMP J . -0.98 26.21 0.41
C2' UMP J . -0.66 27.41 -0.46
C3' UMP J . -0.45 28.47 0.59
C4' UMP J . -1.52 28.12 1.62
O3' UMP J . 0.85 28.29 1.16
O4' UMP J . -1.69 26.70 1.53
C5' UMP J . -2.85 28.80 1.34
O5' UMP J . -2.69 30.16 1.71
P UMP J . -3.24 31.35 0.74
OP1 UMP J . -2.85 32.55 1.53
OP2 UMP J . -4.72 31.13 0.57
OP3 UMP J . -2.42 31.28 -0.51
N1 D16 K . -1.74 25.24 4.37
C2 D16 K . -0.46 25.54 4.05
CM2 D16 K . 0.13 26.72 4.73
N3 D16 K . 0.34 24.82 3.24
C4 D16 K . -0.14 23.66 2.66
O4 D16 K . 0.53 23.04 1.83
C4A D16 K . -1.52 23.25 3.01
C5 D16 K . -2.04 22.03 2.58
C6 D16 K . -3.30 21.60 2.98
C7 D16 K . -4.06 22.44 3.79
C8 D16 K . -3.57 23.65 4.21
C8A D16 K . -2.30 24.06 3.85
C9 D16 K . -3.84 20.25 2.55
N10 D16 K . -2.82 19.34 2.04
C11 D16 K . 0.02 17.53 3.78
S13 D16 K . -0.74 17.64 2.23
C14 D16 K . -1.88 18.81 2.84
C15 D16 K . -1.66 19.09 4.18
C16 D16 K . -0.59 18.35 4.71
C D16 K . 1.02 16.47 3.93
O D16 K . 1.54 15.95 2.94
N D16 K . 1.33 16.15 5.19
CA D16 K . 2.25 15.07 5.51
CB D16 K . 3.62 15.63 5.88
CG D16 K . 3.54 16.70 6.96
CD D16 K . 4.89 17.20 7.37
OE1 D16 K . 5.82 17.29 6.60
OE2 D16 K . 4.95 17.54 8.63
CT D16 K . 1.69 14.19 6.61
O1 D16 K . 0.69 14.48 7.25
O2 D16 K . 2.37 13.10 6.77
CP1 D16 K . -2.93 18.94 0.64
N1 UMP L . -9.15 32.48 -29.40
C2 UMP L . -8.03 33.14 -29.11
N3 UMP L . -8.11 34.28 -28.43
C4 UMP L . -9.26 34.95 -28.21
C5 UMP L . -10.56 34.30 -28.59
C6 UMP L . -10.43 32.80 -28.83
O2 UMP L . -6.95 32.69 -29.46
O4 UMP L . -9.24 36.08 -27.71
C1' UMP L . -9.13 31.36 -30.34
C2' UMP L . -8.71 30.03 -29.72
C3' UMP L . -9.42 29.06 -30.65
C4' UMP L . -10.74 29.74 -30.95
O3' UMP L . -8.70 28.96 -31.89
O4' UMP L . -10.43 31.16 -30.91
C5' UMP L . -11.80 29.42 -29.94
O5' UMP L . -12.29 28.13 -30.27
P UMP L . -12.52 27.02 -29.13
OP1 UMP L . -12.95 25.81 -29.91
OP2 UMP L . -13.53 27.58 -28.20
OP3 UMP L . -11.18 26.79 -28.42
N1 D16 M . -11.56 32.70 -33.43
C2 D16 M . -10.42 32.11 -33.85
CM2 D16 M . -10.56 30.85 -34.61
N3 D16 M . -9.17 32.56 -33.65
C4 D16 M . -8.99 33.74 -32.98
O4 D16 M . -7.85 34.14 -32.71
C4A D16 M . -10.19 34.47 -32.54
C5 D16 M . -10.09 35.73 -31.97
C6 D16 M . -11.21 36.48 -31.65
C7 D16 M . -12.46 35.91 -31.85
C8 D16 M . -12.59 34.64 -32.38
C8A D16 M . -11.46 33.92 -32.76
C9 D16 M . -11.09 37.89 -31.11
N10 D16 M . -9.78 38.48 -31.29
C11 D16 M . -7.99 39.59 -34.47
S13 D16 M . -7.82 39.61 -32.74
C14 D16 M . -9.33 38.80 -32.53
C15 D16 M . -9.94 38.53 -33.75
C16 D16 M . -9.18 38.98 -34.84
C D16 M . -7.02 40.42 -35.22
O D16 M . -5.95 40.74 -34.72
N D16 M . -7.36 40.73 -36.48
CA D16 M . -6.45 41.47 -37.34
CB D16 M . -5.67 40.52 -38.24
CG D16 M . -6.55 39.67 -39.15
CD D16 M . -5.73 38.76 -40.01
OE1 D16 M . -4.58 38.49 -39.77
OE2 D16 M . -6.39 38.30 -41.04
CT D16 M . -7.16 42.54 -38.15
O1 D16 M . -6.54 43.36 -38.81
O2 D16 M . -8.46 42.49 -38.07
CP1 D16 M . -9.04 38.81 -30.09
S SO4 N . -20.63 24.54 -29.43
O1 SO4 N . -20.79 23.43 -28.50
O2 SO4 N . -19.98 24.06 -30.67
O3 SO4 N . -21.92 25.12 -29.75
O4 SO4 N . -19.78 25.57 -28.84
#